data_1FV5
#
_entry.id   1FV5
#
_cell.length_a   1.000
_cell.length_b   1.000
_cell.length_c   1.000
_cell.angle_alpha   90.00
_cell.angle_beta   90.00
_cell.angle_gamma   90.00
#
_symmetry.space_group_name_H-M   'P 1'
#
loop_
_entity.id
_entity.type
_entity.pdbx_description
1 polymer 'FIRST ZINC FINGER OF U-SHAPED'
2 non-polymer 'ZINC ION'
#
_entity_poly.entity_id   1
_entity_poly.type   'polypeptide(L)'
_entity_poly.pdbx_seq_one_letter_code
;GSLLKPARFMCLPCGIAFSSPSTLEAHQAYYCSHRI
;
_entity_poly.pdbx_strand_id   A
#
loop_
_chem_comp.id
_chem_comp.type
_chem_comp.name
_chem_comp.formula
ZN non-polymer 'ZINC ION' 'Zn 2'
#
# COMPACT_ATOMS: atom_id res chain seq x y z
N GLY A 1 2.70 6.71 14.88
CA GLY A 1 1.64 6.20 13.96
C GLY A 1 0.34 6.98 14.08
N SER A 2 -0.77 6.26 14.17
CA SER A 2 -2.08 6.88 14.30
C SER A 2 -2.43 7.68 13.04
N LEU A 3 -1.86 8.86 12.92
CA LEU A 3 -2.10 9.72 11.76
C LEU A 3 -0.82 10.38 11.28
N LEU A 4 -0.78 10.72 10.00
CA LEU A 4 0.40 11.36 9.42
C LEU A 4 1.63 10.47 9.55
N LYS A 5 1.40 9.16 9.55
CA LYS A 5 2.48 8.20 9.66
C LYS A 5 2.00 6.78 9.34
N PRO A 6 2.30 6.28 8.13
CA PRO A 6 1.89 4.94 7.71
C PRO A 6 2.59 3.84 8.49
N ALA A 7 1.83 2.81 8.86
CA ALA A 7 2.39 1.69 9.61
C ALA A 7 1.66 0.39 9.28
N ARG A 8 1.20 0.28 8.04
CA ARG A 8 0.47 -0.91 7.60
C ARG A 8 0.86 -1.27 6.17
N PHE A 9 1.35 -2.50 5.99
CA PHE A 9 1.76 -2.98 4.67
C PHE A 9 0.84 -4.10 4.19
N MET A 10 -0.39 -3.75 3.84
CA MET A 10 -1.36 -4.72 3.36
C MET A 10 -2.54 -4.03 2.70
N CYS A 11 -2.79 -4.38 1.44
CA CYS A 11 -3.90 -3.80 0.69
C CYS A 11 -5.15 -4.65 0.80
N LEU A 12 -5.95 -4.38 1.83
CA LEU A 12 -7.18 -5.12 2.07
C LEU A 12 -8.08 -5.11 0.83
N PRO A 13 -8.26 -3.93 0.20
CA PRO A 13 -9.10 -3.79 -1.00
C PRO A 13 -8.63 -4.68 -2.15
N CYS A 14 -7.42 -5.21 -2.04
CA CYS A 14 -6.86 -6.07 -3.06
C CYS A 14 -6.67 -7.48 -2.52
N GLY A 15 -6.42 -7.56 -1.22
CA GLY A 15 -6.23 -8.84 -0.59
C GLY A 15 -4.81 -9.35 -0.72
N ILE A 16 -3.86 -8.43 -0.78
CA ILE A 16 -2.44 -8.77 -0.90
C ILE A 16 -1.61 -8.09 0.18
N ALA A 17 -1.11 -8.89 1.12
CA ALA A 17 -0.30 -8.35 2.21
C ALA A 17 1.18 -8.31 1.82
N PHE A 18 1.75 -7.12 1.82
CA PHE A 18 3.14 -6.92 1.48
C PHE A 18 4.04 -7.14 2.70
N SER A 19 5.27 -6.67 2.63
CA SER A 19 6.21 -6.82 3.73
C SER A 19 7.28 -5.72 3.69
N SER A 20 6.91 -4.56 3.14
CA SER A 20 7.83 -3.44 3.04
C SER A 20 7.07 -2.15 2.72
N PRO A 21 7.45 -1.03 3.35
CA PRO A 21 6.79 0.27 3.12
C PRO A 21 6.96 0.75 1.68
N SER A 22 8.21 0.79 1.21
CA SER A 22 8.50 1.22 -0.15
C SER A 22 7.77 0.35 -1.16
N THR A 23 7.58 -0.92 -0.80
CA THR A 23 6.88 -1.86 -1.67
C THR A 23 5.42 -1.44 -1.84
N LEU A 24 4.84 -0.96 -0.75
CA LEU A 24 3.45 -0.52 -0.77
C LEU A 24 3.29 0.59 -1.81
N GLU A 25 4.24 1.52 -1.80
CA GLU A 25 4.22 2.62 -2.75
C GLU A 25 4.34 2.10 -4.17
N ALA A 26 5.01 0.96 -4.31
CA ALA A 26 5.18 0.35 -5.60
C ALA A 26 3.86 -0.21 -6.11
N HIS A 27 3.08 -0.74 -5.17
CA HIS A 27 1.77 -1.28 -5.49
C HIS A 27 0.81 -0.16 -5.81
N GLN A 28 0.77 0.83 -4.92
CA GLN A 28 -0.08 1.99 -5.10
C GLN A 28 0.39 2.81 -6.30
N ALA A 29 1.61 2.55 -6.77
CA ALA A 29 2.17 3.27 -7.89
C ALA A 29 1.53 2.85 -9.21
N TYR A 30 1.61 1.57 -9.55
CA TYR A 30 1.05 1.08 -10.81
C TYR A 30 0.41 -0.30 -10.67
N TYR A 31 0.23 -0.77 -9.43
CA TYR A 31 -0.37 -2.07 -9.21
C TYR A 31 -1.83 -1.94 -8.77
N CYS A 32 -2.09 -1.03 -7.85
CA CYS A 32 -3.44 -0.80 -7.35
C CYS A 32 -4.27 -0.04 -8.38
N SER A 33 -5.19 -0.74 -9.03
CA SER A 33 -6.06 -0.13 -10.03
C SER A 33 -5.26 0.76 -10.99
N HIS A 34 -5.97 1.55 -11.77
CA HIS A 34 -5.33 2.46 -12.72
C HIS A 34 -5.37 3.90 -12.23
N ARG A 35 -4.48 4.22 -11.29
CA ARG A 35 -4.41 5.56 -10.73
C ARG A 35 -3.68 6.50 -11.68
N ILE A 36 -4.29 7.65 -11.97
CA ILE A 36 -3.69 8.64 -12.86
C ILE A 36 -3.36 9.92 -12.11
ZN ZN B . -4.24 -2.49 -3.93
N GLY A 1 2.53 6.97 13.10
CA GLY A 1 1.59 6.56 14.18
C GLY A 1 0.27 7.30 14.11
N SER A 2 -0.82 6.56 14.26
CA SER A 2 -2.16 7.14 14.21
C SER A 2 -2.44 7.75 12.84
N LEU A 3 -1.92 8.95 12.59
CA LEU A 3 -2.12 9.63 11.32
C LEU A 3 -0.83 10.31 10.86
N LEU A 4 -0.86 10.85 9.65
CA LEU A 4 0.31 11.53 9.09
C LEU A 4 1.49 10.57 8.97
N LYS A 5 1.19 9.30 8.71
CA LYS A 5 2.23 8.29 8.56
C LYS A 5 1.64 6.98 8.01
N PRO A 6 2.21 6.46 6.90
CA PRO A 6 1.73 5.22 6.29
C PRO A 6 2.12 3.98 7.09
N ALA A 7 1.46 3.80 8.24
CA ALA A 7 1.75 2.66 9.09
C ALA A 7 0.87 1.47 8.73
N ARG A 8 0.91 1.09 7.45
CA ARG A 8 0.11 -0.04 6.98
C ARG A 8 0.78 -0.69 5.76
N PHE A 9 1.03 -2.00 5.86
CA PHE A 9 1.65 -2.74 4.78
C PHE A 9 0.79 -3.92 4.35
N MET A 10 -0.46 -3.64 4.01
CA MET A 10 -1.39 -4.68 3.59
C MET A 10 -2.60 -4.09 2.88
N CYS A 11 -2.72 -4.38 1.59
CA CYS A 11 -3.83 -3.87 0.79
C CYS A 11 -5.06 -4.77 0.93
N LEU A 12 -5.86 -4.52 1.96
CA LEU A 12 -7.06 -5.32 2.21
C LEU A 12 -7.97 -5.35 0.98
N PRO A 13 -8.21 -4.19 0.34
CA PRO A 13 -9.06 -4.11 -0.86
C PRO A 13 -8.56 -5.00 -1.99
N CYS A 14 -7.33 -5.47 -1.89
CA CYS A 14 -6.74 -6.33 -2.91
C CYS A 14 -6.48 -7.72 -2.34
N GLY A 15 -6.23 -7.78 -1.04
CA GLY A 15 -5.97 -9.03 -0.39
C GLY A 15 -4.55 -9.50 -0.57
N ILE A 16 -3.63 -8.55 -0.74
CA ILE A 16 -2.22 -8.86 -0.93
C ILE A 16 -1.36 -8.14 0.10
N ALA A 17 -0.85 -8.89 1.07
CA ALA A 17 -0.01 -8.32 2.13
C ALA A 17 1.44 -8.22 1.68
N PHE A 18 1.95 -6.99 1.62
CA PHE A 18 3.32 -6.74 1.21
C PHE A 18 4.27 -6.88 2.40
N SER A 19 3.91 -6.22 3.50
CA SER A 19 4.72 -6.26 4.71
C SER A 19 6.13 -5.75 4.44
N SER A 20 6.25 -4.69 3.65
CA SER A 20 7.54 -4.10 3.34
C SER A 20 7.38 -2.72 2.72
N PRO A 21 7.78 -1.65 3.45
CA PRO A 21 7.67 -0.27 2.96
C PRO A 21 8.24 -0.13 1.55
N SER A 22 8.00 1.03 0.93
CA SER A 22 8.48 1.29 -0.41
C SER A 22 7.72 0.44 -1.41
N THR A 23 7.88 -0.88 -1.32
CA THR A 23 7.18 -1.80 -2.21
C THR A 23 5.68 -1.53 -2.17
N LEU A 24 5.21 -1.06 -1.01
CA LEU A 24 3.81 -0.74 -0.84
C LEU A 24 3.44 0.39 -1.78
N GLU A 25 4.30 1.39 -1.83
CA GLU A 25 4.08 2.54 -2.71
C GLU A 25 4.15 2.11 -4.16
N ALA A 26 4.89 1.03 -4.41
CA ALA A 26 5.03 0.50 -5.75
C ALA A 26 3.69 -0.05 -6.23
N HIS A 27 2.99 -0.71 -5.32
CA HIS A 27 1.68 -1.28 -5.61
C HIS A 27 0.68 -0.14 -5.81
N GLN A 28 0.65 0.77 -4.85
CA GLN A 28 -0.24 1.91 -4.90
C GLN A 28 0.17 2.86 -6.03
N ALA A 29 1.36 2.64 -6.58
CA ALA A 29 1.88 3.47 -7.65
C ALA A 29 1.22 3.15 -9.00
N TYR A 30 1.32 1.89 -9.42
CA TYR A 30 0.74 1.49 -10.71
C TYR A 30 0.13 0.09 -10.66
N TYR A 31 0.01 -0.48 -9.47
CA TYR A 31 -0.57 -1.82 -9.34
C TYR A 31 -2.01 -1.75 -8.87
N CYS A 32 -2.27 -0.94 -7.85
CA CYS A 32 -3.61 -0.77 -7.31
C CYS A 32 -4.47 0.08 -8.23
N SER A 33 -5.12 -0.58 -9.20
CA SER A 33 -5.96 0.11 -10.16
C SER A 33 -5.13 0.87 -11.18
N HIS A 34 -5.80 1.70 -11.99
CA HIS A 34 -5.11 2.48 -13.01
C HIS A 34 -5.12 3.97 -12.66
N ARG A 35 -4.21 4.37 -11.78
CA ARG A 35 -4.11 5.76 -11.36
C ARG A 35 -3.40 6.61 -12.42
N ILE A 36 -4.03 7.71 -12.82
CA ILE A 36 -3.45 8.59 -13.82
C ILE A 36 -3.66 10.05 -13.45
ZN ZN B . -4.23 -2.67 -3.87
N GLY A 1 2.20 7.35 13.01
CA GLY A 1 1.23 6.67 13.92
C GLY A 1 -0.14 7.28 13.87
N SER A 2 -1.17 6.45 14.04
CA SER A 2 -2.55 6.92 14.02
C SER A 2 -2.91 7.49 12.64
N LEU A 3 -2.49 8.74 12.40
CA LEU A 3 -2.77 9.40 11.13
C LEU A 3 -1.53 10.12 10.61
N LEU A 4 -1.68 10.81 9.48
CA LEU A 4 -0.58 11.55 8.88
C LEU A 4 0.48 10.59 8.35
N LYS A 5 1.23 9.97 9.27
CA LYS A 5 2.28 9.04 8.89
C LYS A 5 1.77 7.60 8.91
N PRO A 6 2.18 6.78 7.91
CA PRO A 6 1.75 5.38 7.83
C PRO A 6 2.05 4.59 9.10
N ALA A 7 1.92 3.28 9.01
CA ALA A 7 2.18 2.42 10.17
C ALA A 7 2.38 0.97 9.73
N ARG A 8 1.30 0.33 9.30
CA ARG A 8 1.36 -1.06 8.86
C ARG A 8 1.35 -1.15 7.33
N PHE A 9 1.44 -2.37 6.81
CA PHE A 9 1.45 -2.59 5.37
C PHE A 9 0.26 -3.44 4.96
N MET A 10 0.36 -4.08 3.79
CA MET A 10 -0.72 -4.93 3.26
C MET A 10 -1.88 -4.09 2.74
N CYS A 11 -2.34 -4.44 1.54
CA CYS A 11 -3.45 -3.73 0.91
C CYS A 11 -4.77 -4.43 1.20
N LEU A 12 -5.41 -4.04 2.30
CA LEU A 12 -6.69 -4.64 2.70
C LEU A 12 -7.69 -4.67 1.54
N PRO A 13 -7.87 -3.52 0.85
CA PRO A 13 -8.79 -3.44 -0.28
C PRO A 13 -8.18 -3.94 -1.58
N CYS A 14 -7.63 -5.15 -1.54
CA CYS A 14 -7.02 -5.74 -2.72
C CYS A 14 -6.95 -7.26 -2.60
N GLY A 15 -6.51 -7.73 -1.44
CA GLY A 15 -6.41 -9.15 -1.20
C GLY A 15 -4.98 -9.62 -1.01
N ILE A 16 -4.03 -8.87 -1.57
CA ILE A 16 -2.62 -9.21 -1.45
C ILE A 16 -2.04 -8.69 -0.15
N ALA A 17 -0.94 -9.30 0.29
CA ALA A 17 -0.28 -8.90 1.53
C ALA A 17 1.23 -8.71 1.31
N PHE A 18 1.67 -7.46 1.45
CA PHE A 18 3.08 -7.13 1.26
C PHE A 18 3.86 -7.35 2.56
N SER A 19 5.09 -6.87 2.60
CA SER A 19 5.94 -7.01 3.77
C SER A 19 6.98 -5.89 3.82
N SER A 20 6.63 -4.74 3.26
CA SER A 20 7.52 -3.59 3.24
C SER A 20 6.76 -2.33 2.87
N PRO A 21 7.08 -1.19 3.51
CA PRO A 21 6.42 0.09 3.24
C PRO A 21 6.72 0.62 1.84
N SER A 22 7.99 0.65 1.47
CA SER A 22 8.40 1.13 0.15
C SER A 22 7.73 0.31 -0.95
N THR A 23 7.56 -0.99 -0.70
CA THR A 23 6.93 -1.87 -1.67
C THR A 23 5.50 -1.42 -1.95
N LEU A 24 4.79 -1.05 -0.88
CA LEU A 24 3.42 -0.58 -1.00
C LEU A 24 3.35 0.59 -1.96
N GLU A 25 4.30 1.51 -1.79
CA GLU A 25 4.36 2.69 -2.64
C GLU A 25 4.46 2.29 -4.11
N ALA A 26 5.11 1.16 -4.35
CA ALA A 26 5.26 0.65 -5.70
C ALA A 26 3.94 0.08 -6.19
N HIS A 27 3.18 -0.49 -5.26
CA HIS A 27 1.88 -1.06 -5.57
C HIS A 27 0.88 0.07 -5.77
N GLN A 28 0.86 0.98 -4.81
CA GLN A 28 -0.02 2.13 -4.87
C GLN A 28 0.36 3.03 -6.05
N ALA A 29 1.57 2.83 -6.58
CA ALA A 29 2.05 3.61 -7.71
C ALA A 29 1.33 3.28 -9.00
N TYR A 30 1.42 2.03 -9.44
CA TYR A 30 0.77 1.61 -10.68
C TYR A 30 0.21 0.19 -10.60
N TYR A 31 0.13 -0.36 -9.39
CA TYR A 31 -0.39 -1.72 -9.22
C TYR A 31 -1.82 -1.69 -8.68
N CYS A 32 -2.08 -0.81 -7.73
CA CYS A 32 -3.40 -0.71 -7.14
C CYS A 32 -4.37 0.00 -8.09
N SER A 33 -4.96 -0.78 -9.00
CA SER A 33 -5.90 -0.24 -9.98
C SER A 33 -5.17 0.53 -11.08
N HIS A 34 -5.89 0.92 -12.12
CA HIS A 34 -5.31 1.66 -13.22
C HIS A 34 -5.47 3.16 -13.02
N ARG A 35 -4.58 3.74 -12.21
CA ARG A 35 -4.63 5.17 -11.93
C ARG A 35 -3.96 5.96 -13.05
N ILE A 36 -4.48 7.16 -13.32
CA ILE A 36 -3.93 8.00 -14.36
C ILE A 36 -2.88 8.96 -13.80
ZN ZN B . -4.02 -2.40 -3.68
N GLY A 1 1.81 7.24 13.52
CA GLY A 1 0.75 6.34 14.03
C GLY A 1 -0.62 6.99 14.04
N SER A 2 -1.67 6.18 14.07
CA SER A 2 -3.04 6.68 14.09
C SER A 2 -3.39 7.37 12.77
N LEU A 3 -2.78 8.52 12.53
CA LEU A 3 -3.03 9.27 11.30
C LEU A 3 -1.73 9.78 10.70
N LEU A 4 -1.83 10.43 9.54
CA LEU A 4 -0.66 10.97 8.86
C LEU A 4 0.29 9.84 8.42
N LYS A 5 1.08 9.34 9.37
CA LYS A 5 2.02 8.27 9.07
C LYS A 5 1.29 6.94 8.86
N PRO A 6 1.80 6.10 7.94
CA PRO A 6 1.19 4.80 7.63
C PRO A 6 0.96 3.96 8.88
N ALA A 7 -0.25 3.46 9.04
CA ALA A 7 -0.60 2.64 10.20
C ALA A 7 -0.18 1.19 9.99
N ARG A 8 -0.53 0.63 8.83
CA ARG A 8 -0.19 -0.74 8.51
C ARG A 8 0.38 -0.85 7.09
N PHE A 9 0.83 -2.05 6.73
CA PHE A 9 1.40 -2.29 5.41
C PHE A 9 0.72 -3.48 4.75
N MET A 10 -0.50 -3.27 4.25
CA MET A 10 -1.26 -4.31 3.59
C MET A 10 -2.43 -3.72 2.82
N CYS A 11 -2.52 -4.08 1.54
CA CYS A 11 -3.60 -3.58 0.69
C CYS A 11 -4.85 -4.43 0.85
N LEU A 12 -5.66 -4.10 1.85
CA LEU A 12 -6.90 -4.83 2.11
C LEU A 12 -7.79 -4.87 0.87
N PRO A 13 -7.97 -3.72 0.20
CA PRO A 13 -8.81 -3.64 -1.01
C PRO A 13 -8.36 -4.61 -2.09
N CYS A 14 -7.14 -5.13 -1.96
CA CYS A 14 -6.59 -6.08 -2.90
C CYS A 14 -6.43 -7.44 -2.26
N GLY A 15 -6.24 -7.43 -0.94
CA GLY A 15 -6.08 -8.67 -0.22
C GLY A 15 -4.71 -9.28 -0.40
N ILE A 16 -3.70 -8.42 -0.47
CA ILE A 16 -2.32 -8.88 -0.64
C ILE A 16 -1.38 -8.10 0.28
N ALA A 17 -0.91 -8.76 1.33
CA ALA A 17 0.01 -8.14 2.27
C ALA A 17 1.44 -8.26 1.78
N PHE A 18 2.11 -7.12 1.61
CA PHE A 18 3.47 -7.10 1.13
C PHE A 18 4.47 -7.31 2.27
N SER A 19 5.76 -7.31 1.94
CA SER A 19 6.82 -7.51 2.92
C SER A 19 7.21 -6.21 3.63
N SER A 20 6.98 -5.07 2.97
CA SER A 20 7.34 -3.78 3.56
C SER A 20 6.43 -2.67 3.04
N PRO A 21 6.56 -1.45 3.63
CA PRO A 21 5.75 -0.30 3.24
C PRO A 21 6.17 0.28 1.89
N SER A 22 7.47 0.36 1.66
CA SER A 22 7.99 0.89 0.40
C SER A 22 7.43 0.11 -0.79
N THR A 23 7.27 -1.20 -0.61
CA THR A 23 6.72 -2.05 -1.67
C THR A 23 5.31 -1.61 -2.01
N LEU A 24 4.56 -1.20 -0.98
CA LEU A 24 3.20 -0.75 -1.17
C LEU A 24 3.19 0.45 -2.11
N GLU A 25 4.12 1.36 -1.88
CA GLU A 25 4.24 2.55 -2.71
C GLU A 25 4.44 2.16 -4.16
N ALA A 26 5.11 1.04 -4.37
CA ALA A 26 5.36 0.54 -5.71
C ALA A 26 4.09 -0.07 -6.28
N HIS A 27 3.30 -0.67 -5.40
CA HIS A 27 2.03 -1.28 -5.77
C HIS A 27 1.01 -0.18 -6.04
N GLN A 28 0.87 0.71 -5.09
CA GLN A 28 -0.04 1.84 -5.21
C GLN A 28 0.38 2.74 -6.37
N ALA A 29 1.65 2.61 -6.78
CA ALA A 29 2.18 3.41 -7.87
C ALA A 29 1.54 3.05 -9.21
N TYR A 30 1.70 1.80 -9.64
CA TYR A 30 1.15 1.38 -10.92
C TYR A 30 0.55 -0.03 -10.86
N TYR A 31 0.43 -0.59 -9.67
CA TYR A 31 -0.12 -1.93 -9.52
C TYR A 31 -1.58 -1.87 -9.05
N CYS A 32 -1.86 -1.01 -8.09
CA CYS A 32 -3.21 -0.87 -7.56
C CYS A 32 -4.09 -0.10 -8.54
N SER A 33 -5.03 -0.80 -9.17
CA SER A 33 -5.94 -0.19 -10.15
C SER A 33 -5.18 0.71 -11.12
N HIS A 34 -5.91 1.50 -11.89
CA HIS A 34 -5.32 2.40 -12.86
C HIS A 34 -5.69 3.86 -12.56
N ARG A 35 -5.27 4.35 -11.40
CA ARG A 35 -5.57 5.71 -11.00
C ARG A 35 -4.60 6.69 -11.67
N ILE A 36 -5.16 7.69 -12.35
CA ILE A 36 -4.36 8.69 -13.03
C ILE A 36 -4.74 10.10 -12.59
ZN ZN B . -3.92 -2.58 -4.05
N GLY A 1 2.72 6.73 14.66
CA GLY A 1 1.46 5.93 14.60
C GLY A 1 0.23 6.79 14.69
N SER A 2 -0.94 6.20 14.48
CA SER A 2 -2.20 6.91 14.54
C SER A 2 -2.24 8.04 13.52
N LEU A 3 -2.81 7.76 12.35
CA LEU A 3 -2.92 8.75 11.27
C LEU A 3 -1.58 9.44 11.02
N LEU A 4 -1.58 10.40 10.10
CA LEU A 4 -0.37 11.14 9.76
C LEU A 4 0.66 10.23 9.10
N LYS A 5 1.30 9.39 9.91
CA LYS A 5 2.31 8.47 9.41
C LYS A 5 1.71 7.07 9.22
N PRO A 6 2.15 6.35 8.17
CA PRO A 6 1.66 5.00 7.88
C PRO A 6 2.21 3.96 8.86
N ALA A 7 1.75 2.73 8.72
CA ALA A 7 2.19 1.65 9.59
C ALA A 7 1.78 0.29 9.05
N ARG A 8 0.54 0.19 8.59
CA ARG A 8 0.02 -1.05 8.04
C ARG A 8 0.58 -1.30 6.64
N PHE A 9 1.17 -2.48 6.45
CA PHE A 9 1.74 -2.85 5.16
C PHE A 9 0.94 -3.97 4.51
N MET A 10 -0.29 -3.65 4.10
CA MET A 10 -1.16 -4.62 3.46
C MET A 10 -2.33 -3.93 2.77
N CYS A 11 -2.50 -4.19 1.48
CA CYS A 11 -3.59 -3.58 0.72
C CYS A 11 -4.87 -4.39 0.88
N LEU A 12 -5.62 -4.09 1.94
CA LEU A 12 -6.88 -4.79 2.21
C LEU A 12 -7.79 -4.80 0.99
N PRO A 13 -7.97 -3.64 0.32
CA PRO A 13 -8.82 -3.53 -0.87
C PRO A 13 -8.39 -4.49 -1.99
N CYS A 14 -7.18 -5.02 -1.88
CA CYS A 14 -6.67 -5.95 -2.87
C CYS A 14 -6.46 -7.33 -2.27
N GLY A 15 -6.20 -7.35 -0.95
CA GLY A 15 -5.99 -8.60 -0.27
C GLY A 15 -4.60 -9.16 -0.50
N ILE A 16 -3.62 -8.27 -0.63
CA ILE A 16 -2.25 -8.67 -0.85
C ILE A 16 -1.30 -7.96 0.13
N ALA A 17 -0.81 -8.71 1.10
CA ALA A 17 0.11 -8.15 2.10
C ALA A 17 1.55 -8.20 1.58
N PHE A 18 2.16 -7.02 1.48
CA PHE A 18 3.52 -6.92 0.98
C PHE A 18 4.54 -7.16 2.11
N SER A 19 5.81 -6.98 1.78
CA SER A 19 6.89 -7.18 2.75
C SER A 19 7.14 -5.93 3.60
N SER A 20 6.87 -4.76 3.03
CA SER A 20 7.08 -3.52 3.75
C SER A 20 6.31 -2.35 3.11
N PRO A 21 6.20 -1.21 3.83
CA PRO A 21 5.49 -0.03 3.33
C PRO A 21 6.00 0.42 1.96
N SER A 22 7.31 0.56 1.83
CA SER A 22 7.91 0.98 0.58
C SER A 22 7.42 0.11 -0.59
N THR A 23 7.14 -1.15 -0.28
CA THR A 23 6.65 -2.08 -1.30
C THR A 23 5.27 -1.65 -1.77
N LEU A 24 4.45 -1.20 -0.84
CA LEU A 24 3.10 -0.73 -1.17
C LEU A 24 3.19 0.40 -2.17
N GLU A 25 4.11 1.31 -1.92
CA GLU A 25 4.31 2.47 -2.79
C GLU A 25 4.50 2.01 -4.23
N ALA A 26 5.13 0.87 -4.40
CA ALA A 26 5.36 0.31 -5.72
C ALA A 26 4.07 -0.26 -6.27
N HIS A 27 3.25 -0.79 -5.38
CA HIS A 27 1.97 -1.36 -5.76
C HIS A 27 0.99 -0.24 -6.07
N GLN A 28 0.85 0.67 -5.13
CA GLN A 28 -0.03 1.82 -5.29
C GLN A 28 0.43 2.67 -6.48
N ALA A 29 1.70 2.48 -6.88
CA ALA A 29 2.26 3.24 -7.99
C ALA A 29 1.58 2.88 -9.32
N TYR A 30 1.63 1.60 -9.70
CA TYR A 30 1.02 1.19 -10.96
C TYR A 30 0.28 -0.14 -10.86
N TYR A 31 0.20 -0.73 -9.66
CA TYR A 31 -0.50 -2.00 -9.49
C TYR A 31 -1.94 -1.77 -9.05
N CYS A 32 -2.11 -1.06 -7.95
CA CYS A 32 -3.45 -0.78 -7.43
C CYS A 32 -4.28 -0.01 -8.44
N SER A 33 -5.21 -0.72 -9.10
CA SER A 33 -6.07 -0.11 -10.11
C SER A 33 -5.29 0.78 -11.07
N HIS A 34 -6.00 1.53 -11.90
CA HIS A 34 -5.37 2.42 -12.87
C HIS A 34 -5.49 3.87 -12.42
N ARG A 35 -4.79 4.22 -11.35
CA ARG A 35 -4.82 5.58 -10.82
C ARG A 35 -3.88 6.49 -11.60
N ILE A 36 -4.40 7.65 -12.00
CA ILE A 36 -3.60 8.62 -12.76
C ILE A 36 -3.19 9.79 -11.89
ZN ZN B . -4.04 -2.41 -3.95
N GLY A 1 1.57 4.77 13.64
CA GLY A 1 0.39 4.86 14.55
C GLY A 1 -0.33 6.20 14.43
N SER A 2 -1.64 6.19 14.65
CA SER A 2 -2.44 7.40 14.56
C SER A 2 -2.37 7.99 13.15
N LEU A 3 -3.20 8.99 12.89
CA LEU A 3 -3.24 9.64 11.59
C LEU A 3 -1.96 10.43 11.34
N LEU A 4 -1.86 11.00 10.15
CA LEU A 4 -0.67 11.78 9.78
C LEU A 4 0.58 10.93 9.84
N LYS A 5 0.44 9.64 9.56
CA LYS A 5 1.56 8.72 9.60
C LYS A 5 1.18 7.36 9.02
N PRO A 6 2.13 6.66 8.37
CA PRO A 6 1.88 5.35 7.77
C PRO A 6 1.69 4.27 8.82
N ALA A 7 0.97 3.21 8.45
CA ALA A 7 0.72 2.10 9.36
C ALA A 7 0.25 0.86 8.60
N ARG A 8 0.72 -0.31 9.03
CA ARG A 8 0.34 -1.57 8.39
C ARG A 8 0.82 -1.61 6.95
N PHE A 9 1.57 -2.66 6.61
CA PHE A 9 2.09 -2.83 5.25
C PHE A 9 1.32 -3.93 4.52
N MET A 10 0.07 -3.65 4.19
CA MET A 10 -0.77 -4.61 3.50
C MET A 10 -2.01 -3.90 2.94
N CYS A 11 -2.30 -4.17 1.68
CA CYS A 11 -3.46 -3.57 1.01
C CYS A 11 -4.72 -4.37 1.32
N LEU A 12 -5.36 -4.04 2.44
CA LEU A 12 -6.58 -4.73 2.86
C LEU A 12 -7.60 -4.80 1.73
N PRO A 13 -7.88 -3.64 1.07
CA PRO A 13 -8.84 -3.59 -0.03
C PRO A 13 -8.21 -4.02 -1.36
N CYS A 14 -7.59 -5.20 -1.34
CA CYS A 14 -6.93 -5.73 -2.53
C CYS A 14 -6.71 -7.24 -2.40
N GLY A 15 -6.27 -7.66 -1.21
CA GLY A 15 -6.02 -9.05 -0.97
C GLY A 15 -4.62 -9.47 -1.36
N ILE A 16 -3.67 -8.54 -1.21
CA ILE A 16 -2.27 -8.81 -1.55
C ILE A 16 -1.33 -8.17 -0.55
N ALA A 17 -0.85 -8.97 0.41
CA ALA A 17 0.08 -8.48 1.42
C ALA A 17 1.51 -8.53 0.90
N PHE A 18 2.19 -7.38 0.89
CA PHE A 18 3.55 -7.31 0.41
C PHE A 18 4.54 -7.67 1.51
N SER A 19 4.97 -6.69 2.30
CA SER A 19 5.93 -6.94 3.38
C SER A 19 6.36 -5.65 4.05
N SER A 20 6.50 -4.58 3.27
CA SER A 20 6.91 -3.29 3.81
C SER A 20 6.12 -2.15 3.18
N PRO A 21 6.20 -0.95 3.78
CA PRO A 21 5.49 0.24 3.28
C PRO A 21 5.98 0.66 1.89
N SER A 22 7.30 0.81 1.75
CA SER A 22 7.90 1.21 0.48
C SER A 22 7.42 0.32 -0.65
N THR A 23 7.30 -0.99 -0.36
CA THR A 23 6.86 -1.93 -1.36
C THR A 23 5.44 -1.59 -1.83
N LEU A 24 4.60 -1.21 -0.88
CA LEU A 24 3.23 -0.82 -1.18
C LEU A 24 3.23 0.33 -2.17
N GLU A 25 4.10 1.30 -1.91
CA GLU A 25 4.23 2.47 -2.77
C GLU A 25 4.34 2.06 -4.24
N ALA A 26 5.02 0.95 -4.46
CA ALA A 26 5.19 0.43 -5.80
C ALA A 26 3.88 -0.14 -6.31
N HIS A 27 3.12 -0.72 -5.38
CA HIS A 27 1.82 -1.30 -5.71
C HIS A 27 0.83 -0.17 -5.97
N GLN A 28 0.72 0.72 -5.00
CA GLN A 28 -0.18 1.87 -5.12
C GLN A 28 0.22 2.72 -6.33
N ALA A 29 1.46 2.56 -6.79
CA ALA A 29 1.96 3.31 -7.93
C ALA A 29 1.23 2.94 -9.21
N TYR A 30 1.33 1.68 -9.62
CA TYR A 30 0.68 1.23 -10.86
C TYR A 30 -0.04 -0.11 -10.70
N TYR A 31 -0.07 -0.65 -9.49
CA TYR A 31 -0.74 -1.93 -9.25
C TYR A 31 -2.16 -1.72 -8.74
N CYS A 32 -2.29 -0.90 -7.70
CA CYS A 32 -3.60 -0.62 -7.11
C CYS A 32 -4.48 0.17 -8.08
N SER A 33 -5.08 -0.54 -9.03
CA SER A 33 -5.94 0.10 -10.03
C SER A 33 -5.11 0.85 -11.06
N HIS A 34 -5.80 1.39 -12.07
CA HIS A 34 -5.12 2.14 -13.13
C HIS A 34 -4.87 3.58 -12.70
N ARG A 35 -3.82 3.78 -11.92
CA ARG A 35 -3.46 5.11 -11.44
C ARG A 35 -2.93 5.98 -12.58
N ILE A 36 -3.20 7.29 -12.50
CA ILE A 36 -2.75 8.21 -13.52
C ILE A 36 -1.94 9.36 -12.90
ZN ZN B . -4.08 -2.28 -3.61
N GLY A 1 2.07 6.93 13.64
CA GLY A 1 1.10 6.50 14.67
C GLY A 1 -0.24 7.20 14.53
N SER A 2 -1.33 6.44 14.68
CA SER A 2 -2.67 6.99 14.57
C SER A 2 -2.93 7.50 13.16
N LEU A 3 -2.42 8.70 12.86
CA LEU A 3 -2.60 9.30 11.54
C LEU A 3 -1.34 10.04 11.12
N LEU A 4 -1.41 10.69 9.95
CA LEU A 4 -0.28 11.44 9.42
C LEU A 4 0.86 10.52 8.99
N LYS A 5 1.44 9.82 9.96
CA LYS A 5 2.54 8.90 9.69
C LYS A 5 2.06 7.45 9.74
N PRO A 6 1.86 6.81 8.58
CA PRO A 6 1.40 5.42 8.51
C PRO A 6 2.29 4.47 9.32
N ALA A 7 1.93 3.20 9.33
CA ALA A 7 2.70 2.20 10.06
C ALA A 7 2.15 0.79 9.80
N ARG A 8 1.75 0.54 8.56
CA ARG A 8 1.21 -0.77 8.18
C ARG A 8 1.59 -1.11 6.74
N PHE A 9 1.36 -2.36 6.36
CA PHE A 9 1.68 -2.82 5.02
C PHE A 9 0.73 -3.93 4.58
N MET A 10 -0.47 -3.55 4.14
CA MET A 10 -1.47 -4.53 3.71
C MET A 10 -2.58 -3.84 2.92
N CYS A 11 -2.79 -4.28 1.68
CA CYS A 11 -3.83 -3.72 0.83
C CYS A 11 -5.13 -4.50 0.99
N LEU A 12 -5.95 -4.08 1.95
CA LEU A 12 -7.23 -4.74 2.24
C LEU A 12 -8.08 -4.90 0.97
N PRO A 13 -8.25 -3.84 0.17
CA PRO A 13 -9.06 -3.88 -1.05
C PRO A 13 -8.49 -4.84 -2.10
N CYS A 14 -7.29 -5.36 -1.87
CA CYS A 14 -6.65 -6.28 -2.80
C CYS A 14 -6.44 -7.63 -2.15
N GLY A 15 -6.24 -7.63 -0.83
CA GLY A 15 -6.02 -8.86 -0.12
C GLY A 15 -4.62 -9.40 -0.28
N ILE A 16 -3.66 -8.49 -0.40
CA ILE A 16 -2.26 -8.87 -0.57
C ILE A 16 -1.37 -8.10 0.40
N ALA A 17 -0.85 -8.81 1.40
CA ALA A 17 0.02 -8.19 2.40
C ALA A 17 1.47 -8.15 1.91
N PHE A 18 2.00 -6.94 1.73
CA PHE A 18 3.37 -6.76 1.27
C PHE A 18 4.33 -6.77 2.45
N SER A 19 5.51 -7.36 2.25
CA SER A 19 6.52 -7.45 3.29
C SER A 19 7.40 -6.20 3.36
N SER A 20 6.91 -5.07 2.86
CA SER A 20 7.68 -3.84 2.87
C SER A 20 6.81 -2.61 2.59
N PRO A 21 7.10 -1.48 3.26
CA PRO A 21 6.34 -0.24 3.07
C PRO A 21 6.56 0.37 1.69
N SER A 22 7.81 0.43 1.26
CA SER A 22 8.16 0.97 -0.04
C SER A 22 7.44 0.21 -1.14
N THR A 23 7.24 -1.09 -0.92
CA THR A 23 6.56 -1.92 -1.89
C THR A 23 5.11 -1.48 -2.05
N LEU A 24 4.53 -1.02 -0.94
CA LEU A 24 3.16 -0.55 -0.96
C LEU A 24 3.05 0.63 -1.92
N GLU A 25 4.01 1.53 -1.82
CA GLU A 25 4.04 2.71 -2.68
C GLU A 25 4.22 2.28 -4.13
N ALA A 26 4.88 1.16 -4.33
CA ALA A 26 5.10 0.63 -5.65
C ALA A 26 3.83 0.00 -6.19
N HIS A 27 3.07 -0.60 -5.27
CA HIS A 27 1.81 -1.23 -5.61
C HIS A 27 0.76 -0.15 -5.83
N GLN A 28 0.67 0.74 -4.86
CA GLN A 28 -0.27 1.86 -4.93
C GLN A 28 0.08 2.76 -6.12
N ALA A 29 1.33 2.65 -6.58
CA ALA A 29 1.79 3.45 -7.71
C ALA A 29 1.08 3.09 -9.00
N TYR A 30 1.25 1.84 -9.45
CA TYR A 30 0.64 1.41 -10.69
C TYR A 30 0.28 -0.08 -10.67
N TYR A 31 0.17 -0.65 -9.48
CA TYR A 31 -0.17 -2.07 -9.34
C TYR A 31 -1.57 -2.25 -8.77
N CYS A 32 -2.00 -1.29 -7.96
CA CYS A 32 -3.32 -1.36 -7.34
C CYS A 32 -4.41 -1.03 -8.36
N SER A 33 -4.15 -0.05 -9.21
CA SER A 33 -5.11 0.35 -10.24
C SER A 33 -4.51 1.44 -11.14
N HIS A 34 -5.07 1.57 -12.33
CA HIS A 34 -4.61 2.58 -13.29
C HIS A 34 -5.07 3.97 -12.88
N ARG A 35 -4.52 4.48 -11.79
CA ARG A 35 -4.89 5.80 -11.30
C ARG A 35 -4.26 6.89 -12.16
N ILE A 36 -4.92 8.05 -12.21
CA ILE A 36 -4.42 9.17 -13.00
C ILE A 36 -4.66 10.50 -12.28
ZN ZN B . -4.08 -2.74 -3.92
N GLY A 1 -1.76 3.27 15.06
CA GLY A 1 -1.81 4.64 15.66
C GLY A 1 -3.18 5.28 15.53
N SER A 2 -3.25 6.34 14.71
CA SER A 2 -4.51 7.05 14.50
C SER A 2 -4.34 8.16 13.47
N LEU A 3 -3.31 8.99 13.67
CA LEU A 3 -3.03 10.10 12.76
C LEU A 3 -2.49 9.58 11.43
N LEU A 4 -2.10 10.51 10.56
CA LEU A 4 -1.56 10.14 9.25
C LEU A 4 -0.39 9.18 9.38
N LYS A 5 0.29 8.91 8.26
CA LYS A 5 1.43 8.00 8.24
C LYS A 5 0.96 6.54 8.29
N PRO A 6 1.50 5.68 7.40
CA PRO A 6 1.14 4.27 7.34
C PRO A 6 1.64 3.49 8.54
N ALA A 7 0.73 2.80 9.23
CA ALA A 7 1.09 2.01 10.41
C ALA A 7 1.32 0.55 10.03
N ARG A 8 0.53 0.06 9.07
CA ARG A 8 0.64 -1.33 8.63
C ARG A 8 0.96 -1.39 7.14
N PHE A 9 1.14 -2.61 6.62
CA PHE A 9 1.45 -2.81 5.21
C PHE A 9 0.62 -3.95 4.63
N MET A 10 -0.60 -3.63 4.21
CA MET A 10 -1.49 -4.64 3.64
C MET A 10 -2.65 -3.97 2.91
N CYS A 11 -2.80 -4.28 1.63
CA CYS A 11 -3.88 -3.72 0.83
C CYS A 11 -5.16 -4.55 0.99
N LEU A 12 -5.93 -4.25 2.04
CA LEU A 12 -7.17 -4.96 2.31
C LEU A 12 -8.07 -5.00 1.07
N PRO A 13 -8.30 -3.84 0.43
CA PRO A 13 -9.14 -3.75 -0.77
C PRO A 13 -8.40 -4.18 -2.03
N CYS A 14 -7.78 -5.34 -1.98
CA CYS A 14 -7.02 -5.86 -3.11
C CYS A 14 -6.88 -7.38 -3.03
N GLY A 15 -6.57 -7.87 -1.83
CA GLY A 15 -6.39 -9.29 -1.63
C GLY A 15 -4.93 -9.69 -1.58
N ILE A 16 -4.08 -8.77 -1.14
CA ILE A 16 -2.65 -9.03 -1.04
C ILE A 16 -2.08 -8.44 0.24
N ALA A 17 -0.92 -8.94 0.65
CA ALA A 17 -0.27 -8.46 1.86
C ALA A 17 1.24 -8.33 1.65
N PHE A 18 1.72 -7.09 1.69
CA PHE A 18 3.13 -6.82 1.50
C PHE A 18 3.90 -6.97 2.81
N SER A 19 5.16 -6.56 2.80
CA SER A 19 6.01 -6.65 3.99
C SER A 19 7.13 -5.62 3.94
N SER A 20 6.86 -4.49 3.29
CA SER A 20 7.85 -3.43 3.19
C SER A 20 7.20 -2.13 2.73
N PRO A 21 7.44 -1.01 3.46
CA PRO A 21 6.88 0.29 3.13
C PRO A 21 7.14 0.70 1.68
N SER A 22 8.42 0.72 1.31
CA SER A 22 8.81 1.10 -0.05
C SER A 22 8.09 0.23 -1.08
N THR A 23 7.91 -1.04 -0.76
CA THR A 23 7.24 -1.96 -1.66
C THR A 23 5.80 -1.53 -1.89
N LEU A 24 5.16 -1.05 -0.82
CA LEU A 24 3.79 -0.57 -0.91
C LEU A 24 3.69 0.54 -1.94
N GLU A 25 4.64 1.46 -1.88
CA GLU A 25 4.69 2.58 -2.80
C GLU A 25 4.74 2.09 -4.23
N ALA A 26 5.36 0.93 -4.43
CA ALA A 26 5.46 0.34 -5.74
C ALA A 26 4.11 -0.14 -6.21
N HIS A 27 3.32 -0.66 -5.28
CA HIS A 27 1.99 -1.14 -5.59
C HIS A 27 1.07 0.05 -5.81
N GLN A 28 1.09 0.97 -4.87
CA GLN A 28 0.28 2.17 -4.97
C GLN A 28 0.70 2.99 -6.18
N ALA A 29 1.90 2.70 -6.69
CA ALA A 29 2.42 3.41 -7.86
C ALA A 29 1.61 3.12 -9.11
N TYR A 30 1.56 1.86 -9.53
CA TYR A 30 0.83 1.50 -10.73
C TYR A 30 0.16 0.12 -10.64
N TYR A 31 0.10 -0.46 -9.44
CA TYR A 31 -0.52 -1.77 -9.27
C TYR A 31 -1.98 -1.64 -8.86
N CYS A 32 -2.21 -0.93 -7.76
CA CYS A 32 -3.56 -0.75 -7.25
C CYS A 32 -4.46 -0.11 -8.31
N SER A 33 -5.32 -0.93 -8.93
CA SER A 33 -6.23 -0.46 -9.95
C SER A 33 -5.52 0.44 -10.97
N HIS A 34 -6.30 1.12 -11.81
CA HIS A 34 -5.73 2.01 -12.82
C HIS A 34 -5.77 3.46 -12.34
N ARG A 35 -4.80 3.82 -11.50
CA ARG A 35 -4.71 5.17 -10.97
C ARG A 35 -4.39 6.17 -12.08
N ILE A 36 -4.68 7.44 -11.82
CA ILE A 36 -4.43 8.50 -12.79
C ILE A 36 -4.36 9.86 -12.12
ZN ZN B . -4.03 -2.37 -3.82
N GLY A 1 2.31 5.96 15.40
CA GLY A 1 1.63 6.16 14.09
C GLY A 1 0.12 5.99 14.19
N SER A 2 -0.55 7.02 14.70
CA SER A 2 -2.00 6.98 14.85
C SER A 2 -2.69 7.32 13.53
N LEU A 3 -2.33 8.46 12.96
CA LEU A 3 -2.93 8.90 11.70
C LEU A 3 -2.01 9.90 10.99
N LEU A 4 -1.21 9.39 10.06
CA LEU A 4 -0.29 10.23 9.30
C LEU A 4 0.47 9.41 8.25
N LYS A 5 0.85 8.20 8.63
CA LYS A 5 1.59 7.32 7.73
C LYS A 5 1.02 5.90 7.78
N PRO A 6 1.20 5.11 6.72
CA PRO A 6 0.71 3.73 6.66
C PRO A 6 1.17 2.90 7.85
N ALA A 7 0.32 2.81 8.86
CA ALA A 7 0.62 2.05 10.07
C ALA A 7 0.92 0.60 9.75
N ARG A 8 0.28 0.09 8.70
CA ARG A 8 0.49 -1.30 8.28
C ARG A 8 0.80 -1.39 6.79
N PHE A 9 1.12 -2.59 6.33
CA PHE A 9 1.44 -2.81 4.93
C PHE A 9 0.59 -3.93 4.35
N MET A 10 -0.65 -3.59 3.96
CA MET A 10 -1.57 -4.57 3.39
C MET A 10 -2.72 -3.87 2.68
N CYS A 11 -2.89 -4.16 1.41
CA CYS A 11 -3.96 -3.57 0.62
C CYS A 11 -5.24 -4.39 0.73
N LEU A 12 -6.05 -4.05 1.74
CA LEU A 12 -7.31 -4.75 1.99
C LEU A 12 -8.17 -4.85 0.73
N PRO A 13 -8.38 -3.73 0.00
CA PRO A 13 -9.21 -3.73 -1.21
C PRO A 13 -8.60 -4.51 -2.37
N CYS A 14 -7.41 -5.07 -2.17
CA CYS A 14 -6.75 -5.85 -3.20
C CYS A 14 -6.53 -7.29 -2.75
N GLY A 15 -6.39 -7.46 -1.44
CA GLY A 15 -6.17 -8.79 -0.89
C GLY A 15 -4.74 -9.26 -1.05
N ILE A 16 -3.81 -8.30 -1.11
CA ILE A 16 -2.40 -8.62 -1.25
C ILE A 16 -1.58 -7.97 -0.14
N ALA A 17 -1.19 -8.75 0.85
CA ALA A 17 -0.40 -8.25 1.97
C ALA A 17 1.09 -8.24 1.64
N PHE A 18 1.68 -7.05 1.67
CA PHE A 18 3.09 -6.89 1.37
C PHE A 18 3.94 -7.16 2.61
N SER A 19 5.19 -6.71 2.59
CA SER A 19 6.09 -6.90 3.73
C SER A 19 7.19 -5.83 3.75
N SER A 20 6.87 -4.67 3.21
CA SER A 20 7.82 -3.56 3.17
C SER A 20 7.11 -2.25 2.86
N PRO A 21 7.62 -1.11 3.36
CA PRO A 21 7.02 0.20 3.13
C PRO A 21 7.21 0.68 1.69
N SER A 22 8.43 0.54 1.19
CA SER A 22 8.74 0.97 -0.18
C SER A 22 7.93 0.17 -1.19
N THR A 23 7.70 -1.11 -0.89
CA THR A 23 6.92 -1.96 -1.77
C THR A 23 5.50 -1.43 -1.92
N LEU A 24 4.94 -0.94 -0.82
CA LEU A 24 3.60 -0.39 -0.83
C LEU A 24 3.51 0.74 -1.84
N GLU A 25 4.53 1.60 -1.81
CA GLU A 25 4.59 2.72 -2.74
C GLU A 25 4.68 2.23 -4.17
N ALA A 26 5.25 1.05 -4.35
CA ALA A 26 5.39 0.45 -5.66
C ALA A 26 4.04 -0.05 -6.14
N HIS A 27 3.25 -0.57 -5.21
CA HIS A 27 1.92 -1.07 -5.53
C HIS A 27 0.99 0.10 -5.79
N GLN A 28 1.00 1.04 -4.85
CA GLN A 28 0.18 2.24 -4.96
C GLN A 28 0.58 3.04 -6.19
N ALA A 29 1.79 2.77 -6.70
CA ALA A 29 2.28 3.45 -7.88
C ALA A 29 1.45 3.14 -9.11
N TYR A 30 1.41 1.87 -9.51
CA TYR A 30 0.66 1.48 -10.70
C TYR A 30 0.11 0.05 -10.59
N TYR A 31 0.08 -0.51 -9.39
CA TYR A 31 -0.43 -1.86 -9.20
C TYR A 31 -1.90 -1.86 -8.80
N CYS A 32 -2.25 -0.98 -7.86
CA CYS A 32 -3.62 -0.87 -7.39
C CYS A 32 -4.58 -0.58 -8.53
N SER A 33 -5.06 -1.63 -9.18
CA SER A 33 -5.99 -1.51 -10.30
C SER A 33 -5.54 -0.42 -11.30
N HIS A 34 -5.99 0.81 -11.08
CA HIS A 34 -5.62 1.91 -11.97
C HIS A 34 -5.72 3.24 -11.23
N ARG A 35 -4.57 3.84 -10.94
CA ARG A 35 -4.52 5.11 -10.23
C ARG A 35 -3.53 6.06 -10.89
N ILE A 36 -4.04 6.99 -11.69
CA ILE A 36 -3.19 7.96 -12.38
C ILE A 36 -3.10 9.26 -11.59
ZN ZN B . -4.15 -2.22 -4.02
N GLY A 1 2.44 5.53 14.02
CA GLY A 1 1.01 5.20 14.31
C GLY A 1 0.10 6.42 14.18
N SER A 2 -1.20 6.20 14.38
CA SER A 2 -2.17 7.28 14.28
C SER A 2 -2.16 7.89 12.88
N LEU A 3 -2.89 8.98 12.71
CA LEU A 3 -2.97 9.67 11.43
C LEU A 3 -1.62 10.23 11.02
N LEU A 4 -1.57 10.90 9.87
CA LEU A 4 -0.33 11.49 9.38
C LEU A 4 0.67 10.40 9.00
N LYS A 5 1.27 9.79 10.01
CA LYS A 5 2.26 8.73 9.79
C LYS A 5 1.56 7.39 9.59
N PRO A 6 2.09 6.55 8.67
CA PRO A 6 1.52 5.23 8.39
C PRO A 6 1.82 4.22 9.49
N ALA A 7 1.10 3.11 9.49
CA ALA A 7 1.30 2.06 10.49
C ALA A 7 0.72 0.74 10.01
N ARG A 8 0.74 0.53 8.70
CA ARG A 8 0.21 -0.71 8.12
C ARG A 8 0.89 -1.01 6.79
N PHE A 9 0.95 -2.30 6.44
CA PHE A 9 1.59 -2.72 5.19
C PHE A 9 0.81 -3.87 4.56
N MET A 10 -0.41 -3.59 4.13
CA MET A 10 -1.25 -4.60 3.50
C MET A 10 -2.43 -3.95 2.77
N CYS A 11 -2.55 -4.24 1.48
CA CYS A 11 -3.64 -3.69 0.68
C CYS A 11 -4.90 -4.53 0.82
N LEU A 12 -5.70 -4.25 1.85
CA LEU A 12 -6.93 -4.98 2.09
C LEU A 12 -7.83 -4.99 0.85
N PRO A 13 -8.01 -3.83 0.20
CA PRO A 13 -8.85 -3.72 -1.00
C PRO A 13 -8.39 -4.64 -2.12
N CYS A 14 -7.18 -5.16 -2.00
CA CYS A 14 -6.63 -6.07 -3.00
C CYS A 14 -6.45 -7.46 -2.42
N GLY A 15 -6.23 -7.51 -1.10
CA GLY A 15 -6.05 -8.77 -0.44
C GLY A 15 -4.65 -9.35 -0.63
N ILE A 16 -3.68 -8.47 -0.75
CA ILE A 16 -2.28 -8.88 -0.94
C ILE A 16 -1.37 -8.15 0.03
N ALA A 17 -0.91 -8.87 1.06
CA ALA A 17 -0.03 -8.30 2.06
C ALA A 17 1.42 -8.34 1.61
N PHE A 18 2.02 -7.17 1.42
CA PHE A 18 3.40 -7.07 0.99
C PHE A 18 4.35 -7.14 2.18
N SER A 19 4.04 -6.36 3.22
CA SER A 19 4.85 -6.33 4.43
C SER A 19 6.21 -5.68 4.17
N SER A 20 6.19 -4.51 3.52
CA SER A 20 7.42 -3.79 3.22
C SER A 20 7.14 -2.35 2.81
N PRO A 21 7.34 -1.39 3.72
CA PRO A 21 7.10 0.04 3.44
C PRO A 21 7.97 0.56 2.30
N SER A 22 7.59 0.20 1.09
CA SER A 22 8.30 0.60 -0.12
C SER A 22 7.64 -0.06 -1.32
N THR A 23 7.46 -1.37 -1.22
CA THR A 23 6.80 -2.12 -2.28
C THR A 23 5.35 -1.67 -2.35
N LEU A 24 4.83 -1.23 -1.20
CA LEU A 24 3.47 -0.73 -1.11
C LEU A 24 3.33 0.50 -1.99
N GLU A 25 4.31 1.38 -1.89
CA GLU A 25 4.33 2.59 -2.69
C GLU A 25 4.46 2.24 -4.17
N ALA A 26 5.11 1.11 -4.43
CA ALA A 26 5.28 0.62 -5.77
C ALA A 26 3.97 0.04 -6.29
N HIS A 27 3.24 -0.59 -5.39
CA HIS A 27 1.95 -1.18 -5.71
C HIS A 27 0.93 -0.08 -5.95
N GLN A 28 0.83 0.81 -4.97
CA GLN A 28 -0.09 1.93 -5.05
C GLN A 28 0.31 2.86 -6.20
N ALA A 29 1.55 2.71 -6.66
CA ALA A 29 2.07 3.55 -7.75
C ALA A 29 1.42 3.20 -9.09
N TYR A 30 1.57 1.95 -9.52
CA TYR A 30 1.01 1.52 -10.80
C TYR A 30 0.46 0.09 -10.75
N TYR A 31 0.32 -0.47 -9.56
CA TYR A 31 -0.19 -1.83 -9.42
C TYR A 31 -1.63 -1.83 -8.92
N CYS A 32 -1.92 -0.93 -7.99
CA CYS A 32 -3.27 -0.83 -7.44
C CYS A 32 -4.22 -0.16 -8.43
N SER A 33 -5.04 -0.97 -9.10
CA SER A 33 -6.00 -0.46 -10.08
C SER A 33 -5.35 0.56 -11.02
N HIS A 34 -6.18 1.27 -11.78
CA HIS A 34 -5.68 2.27 -12.71
C HIS A 34 -5.83 3.67 -12.13
N ARG A 35 -4.82 4.11 -11.38
CA ARG A 35 -4.85 5.42 -10.77
C ARG A 35 -4.09 6.44 -11.62
N ILE A 36 -4.69 7.60 -11.83
CA ILE A 36 -4.07 8.65 -12.62
C ILE A 36 -3.96 9.95 -11.83
ZN ZN B . -3.97 -2.53 -4.00
N GLY A 1 2.34 9.90 14.46
CA GLY A 1 1.62 8.65 14.82
C GLY A 1 0.25 8.56 14.19
N SER A 2 -0.03 7.44 13.53
CA SER A 2 -1.31 7.23 12.87
C SER A 2 -1.54 8.26 11.76
N LEU A 3 -1.95 9.47 12.16
CA LEU A 3 -2.19 10.53 11.20
C LEU A 3 -0.88 11.12 10.67
N LEU A 4 -0.90 11.59 9.43
CA LEU A 4 0.28 12.17 8.81
C LEU A 4 1.37 11.12 8.61
N LYS A 5 2.04 10.77 9.70
CA LYS A 5 3.11 9.77 9.65
C LYS A 5 2.53 8.35 9.57
N PRO A 6 2.69 7.68 8.41
CA PRO A 6 2.18 6.32 8.21
C PRO A 6 2.94 5.30 9.04
N ALA A 7 2.26 4.22 9.40
CA ALA A 7 2.87 3.16 10.19
C ALA A 7 2.17 1.82 9.96
N ARG A 8 1.62 1.65 8.75
CA ARG A 8 0.93 0.42 8.40
C ARG A 8 1.24 0.00 6.97
N PHE A 9 0.78 -1.19 6.59
CA PHE A 9 1.00 -1.69 5.24
C PHE A 9 -0.07 -2.70 4.85
N MET A 10 0.13 -3.38 3.72
CA MET A 10 -0.82 -4.37 3.23
C MET A 10 -2.05 -3.71 2.63
N CYS A 11 -2.44 -4.17 1.44
CA CYS A 11 -3.61 -3.63 0.76
C CYS A 11 -4.84 -4.48 1.03
N LEU A 12 -5.55 -4.15 2.10
CA LEU A 12 -6.75 -4.89 2.48
C LEU A 12 -7.75 -4.96 1.32
N PRO A 13 -8.05 -3.81 0.68
CA PRO A 13 -8.98 -3.75 -0.45
C PRO A 13 -8.32 -4.14 -1.76
N CYS A 14 -7.69 -5.31 -1.79
CA CYS A 14 -7.01 -5.80 -2.98
C CYS A 14 -6.85 -7.31 -2.94
N GLY A 15 -6.41 -7.81 -1.80
CA GLY A 15 -6.20 -9.24 -1.64
C GLY A 15 -4.76 -9.59 -1.39
N ILE A 16 -3.84 -8.74 -1.84
CA ILE A 16 -2.42 -8.98 -1.66
C ILE A 16 -1.95 -8.48 -0.29
N ALA A 17 -0.81 -9.01 0.16
CA ALA A 17 -0.25 -8.62 1.45
C ALA A 17 1.26 -8.47 1.38
N PHE A 18 1.73 -7.23 1.52
CA PHE A 18 3.15 -6.94 1.45
C PHE A 18 3.80 -7.14 2.81
N SER A 19 5.05 -6.70 2.95
CA SER A 19 5.78 -6.84 4.20
C SER A 19 6.88 -5.78 4.31
N SER A 20 6.66 -4.63 3.67
CA SER A 20 7.64 -3.55 3.71
C SER A 20 7.02 -2.24 3.22
N PRO A 21 7.48 -1.09 3.76
CA PRO A 21 6.97 0.22 3.38
C PRO A 21 7.63 0.78 2.13
N SER A 22 7.76 -0.07 1.12
CA SER A 22 8.37 0.32 -0.15
C SER A 22 7.58 -0.30 -1.31
N THR A 23 7.32 -1.60 -1.19
CA THR A 23 6.56 -2.30 -2.21
C THR A 23 5.16 -1.71 -2.31
N LEU A 24 4.68 -1.19 -1.17
CA LEU A 24 3.37 -0.57 -1.12
C LEU A 24 3.37 0.64 -2.02
N GLU A 25 4.42 1.44 -1.93
CA GLU A 25 4.57 2.62 -2.76
C GLU A 25 4.64 2.21 -4.22
N ALA A 26 5.21 1.03 -4.46
CA ALA A 26 5.33 0.50 -5.79
C ALA A 26 3.97 -0.01 -6.27
N HIS A 27 3.22 -0.55 -5.32
CA HIS A 27 1.89 -1.08 -5.61
C HIS A 27 0.93 0.07 -5.84
N GLN A 28 0.92 1.01 -4.90
CA GLN A 28 0.07 2.18 -4.99
C GLN A 28 0.50 3.05 -6.17
N ALA A 29 1.72 2.81 -6.67
CA ALA A 29 2.26 3.56 -7.79
C ALA A 29 1.55 3.22 -9.10
N TYR A 30 1.61 1.95 -9.50
CA TYR A 30 0.98 1.54 -10.75
C TYR A 30 0.47 0.10 -10.70
N TYR A 31 0.31 -0.45 -9.50
CA TYR A 31 -0.18 -1.82 -9.35
C TYR A 31 -1.59 -1.85 -8.80
N CYS A 32 -1.90 -0.91 -7.91
CA CYS A 32 -3.23 -0.83 -7.31
C CYS A 32 -4.23 -0.26 -8.31
N SER A 33 -4.96 -1.14 -8.99
CA SER A 33 -5.95 -0.73 -9.98
C SER A 33 -5.40 0.36 -10.91
N HIS A 34 -6.27 0.98 -11.68
CA HIS A 34 -5.87 2.03 -12.60
C HIS A 34 -5.86 3.39 -11.91
N ARG A 35 -4.83 3.63 -11.11
CA ARG A 35 -4.70 4.89 -10.38
C ARG A 35 -4.22 6.01 -11.29
N ILE A 36 -5.10 6.97 -11.56
CA ILE A 36 -4.75 8.09 -12.42
C ILE A 36 -5.43 9.37 -11.96
ZN ZN B . -4.05 -2.33 -3.87
N GLY A 1 2.10 7.61 14.08
CA GLY A 1 0.98 6.65 13.88
C GLY A 1 -0.37 7.35 13.79
N SER A 2 -1.44 6.56 13.90
CA SER A 2 -2.80 7.11 13.82
C SER A 2 -3.07 7.69 12.43
N LEU A 3 -2.57 8.89 12.19
CA LEU A 3 -2.76 9.56 10.91
C LEU A 3 -1.46 10.18 10.41
N LEU A 4 -1.50 10.74 9.21
CA LEU A 4 -0.31 11.38 8.62
C LEU A 4 0.76 10.34 8.33
N LYS A 5 1.47 9.92 9.38
CA LYS A 5 2.53 8.94 9.25
C LYS A 5 1.96 7.52 9.23
N PRO A 6 2.12 6.79 8.10
CA PRO A 6 1.61 5.42 7.97
C PRO A 6 2.34 4.45 8.87
N ALA A 7 2.00 3.17 8.77
CA ALA A 7 2.63 2.14 9.59
C ALA A 7 2.15 0.74 9.18
N ARG A 8 0.87 0.63 8.85
CA ARG A 8 0.29 -0.65 8.45
C ARG A 8 0.72 -1.02 7.04
N PHE A 9 0.97 -2.31 6.82
CA PHE A 9 1.39 -2.80 5.51
C PHE A 9 0.50 -3.95 5.05
N MET A 10 -0.74 -3.62 4.68
CA MET A 10 -1.69 -4.63 4.22
C MET A 10 -2.66 -4.03 3.21
N CYS A 11 -2.60 -4.53 1.98
CA CYS A 11 -3.47 -4.04 0.91
C CYS A 11 -4.77 -4.84 0.86
N LEU A 12 -5.75 -4.39 1.63
CA LEU A 12 -7.04 -5.06 1.69
C LEU A 12 -7.83 -4.91 0.38
N PRO A 13 -7.86 -3.69 -0.20
CA PRO A 13 -8.59 -3.42 -1.45
C PRO A 13 -8.43 -4.54 -2.48
N CYS A 14 -7.27 -5.20 -2.48
CA CYS A 14 -7.00 -6.28 -3.40
C CYS A 14 -6.79 -7.59 -2.65
N GLY A 15 -6.33 -7.47 -1.40
CA GLY A 15 -6.10 -8.64 -0.59
C GLY A 15 -4.70 -9.21 -0.77
N ILE A 16 -3.69 -8.44 -0.36
CA ILE A 16 -2.31 -8.87 -0.48
C ILE A 16 -1.45 -8.27 0.63
N ALA A 17 -0.87 -9.13 1.46
CA ALA A 17 -0.03 -8.68 2.56
C ALA A 17 1.43 -8.65 2.15
N PHE A 18 1.97 -7.44 2.01
CA PHE A 18 3.37 -7.26 1.62
C PHE A 18 4.27 -7.31 2.85
N SER A 19 5.51 -6.83 2.68
CA SER A 19 6.47 -6.82 3.77
C SER A 19 7.50 -5.72 3.54
N SER A 20 7.06 -4.63 2.92
CA SER A 20 7.93 -3.50 2.64
C SER A 20 7.12 -2.24 2.31
N PRO A 21 7.09 -1.26 3.23
CA PRO A 21 6.33 -0.02 3.03
C PRO A 21 6.56 0.59 1.65
N SER A 22 7.82 0.86 1.32
CA SER A 22 8.17 1.44 0.03
C SER A 22 7.63 0.59 -1.12
N THR A 23 7.71 -0.72 -0.95
CA THR A 23 7.23 -1.64 -1.98
C THR A 23 5.73 -1.45 -2.20
N LEU A 24 5.01 -1.22 -1.11
CA LEU A 24 3.58 -0.99 -1.19
C LEU A 24 3.28 0.19 -2.09
N GLU A 25 4.05 1.26 -1.89
CA GLU A 25 3.90 2.48 -2.68
C GLU A 25 4.07 2.17 -4.16
N ALA A 26 4.89 1.19 -4.46
CA ALA A 26 5.14 0.79 -5.83
C ALA A 26 3.95 0.01 -6.37
N HIS A 27 3.32 -0.75 -5.49
CA HIS A 27 2.16 -1.54 -5.84
C HIS A 27 0.96 -0.62 -6.05
N GLN A 28 0.76 0.25 -5.08
CA GLN A 28 -0.34 1.20 -5.12
C GLN A 28 -0.14 2.22 -6.25
N ALA A 29 1.11 2.56 -6.52
CA ALA A 29 1.43 3.54 -7.56
C ALA A 29 1.54 2.92 -8.96
N TYR A 30 1.18 1.64 -9.10
CA TYR A 30 1.28 0.99 -10.41
C TYR A 30 0.29 -0.17 -10.56
N TYR A 31 0.05 -0.90 -9.48
CA TYR A 31 -0.87 -2.04 -9.53
C TYR A 31 -2.28 -1.65 -9.10
N CYS A 32 -2.50 -1.56 -7.78
CA CYS A 32 -3.81 -1.20 -7.26
C CYS A 32 -4.30 0.11 -7.86
N SER A 33 -5.35 0.03 -8.67
CA SER A 33 -5.93 1.21 -9.31
C SER A 33 -5.04 1.69 -10.47
N HIS A 34 -5.65 1.90 -11.62
CA HIS A 34 -4.92 2.38 -12.80
C HIS A 34 -5.02 3.89 -12.92
N ARG A 35 -4.48 4.60 -11.95
CA ARG A 35 -4.50 6.06 -11.95
C ARG A 35 -3.46 6.63 -12.92
N ILE A 36 -3.70 7.85 -13.38
CA ILE A 36 -2.78 8.49 -14.31
C ILE A 36 -2.00 9.61 -13.61
ZN ZN B . -3.41 -3.64 -3.61
N GLY A 1 1.73 5.19 13.53
CA GLY A 1 0.63 4.82 14.47
C GLY A 1 -0.46 5.87 14.54
N SER A 2 -1.67 5.45 14.90
CA SER A 2 -2.80 6.37 15.00
C SER A 2 -3.17 6.95 13.64
N LEU A 3 -2.39 7.94 13.20
CA LEU A 3 -2.63 8.58 11.91
C LEU A 3 -1.40 9.36 11.46
N LEU A 4 -1.46 9.89 10.24
CA LEU A 4 -0.36 10.66 9.69
C LEU A 4 0.90 9.81 9.57
N LYS A 5 0.71 8.51 9.38
CA LYS A 5 1.83 7.58 9.25
C LYS A 5 1.33 6.17 8.97
N PRO A 6 2.01 5.43 8.06
CA PRO A 6 1.62 4.06 7.72
C PRO A 6 1.53 3.16 8.95
N ALA A 7 0.42 2.44 9.06
CA ALA A 7 0.21 1.54 10.19
C ALA A 7 0.82 0.17 9.92
N ARG A 8 0.31 -0.50 8.89
CA ARG A 8 0.80 -1.82 8.52
C ARG A 8 0.98 -1.94 7.01
N PHE A 9 1.65 -3.00 6.58
CA PHE A 9 1.90 -3.23 5.16
C PHE A 9 0.95 -4.29 4.61
N MET A 10 -0.23 -3.87 4.20
CA MET A 10 -1.24 -4.79 3.66
C MET A 10 -2.34 -4.02 2.94
N CYS A 11 -2.53 -4.34 1.66
CA CYS A 11 -3.57 -3.67 0.87
C CYS A 11 -4.92 -4.36 1.06
N LEU A 12 -5.64 -3.91 2.08
CA LEU A 12 -6.96 -4.47 2.40
C LEU A 12 -7.86 -4.55 1.17
N PRO A 13 -7.99 -3.46 0.40
CA PRO A 13 -8.85 -3.43 -0.79
C PRO A 13 -8.38 -4.38 -1.89
N CYS A 14 -7.21 -4.98 -1.70
CA CYS A 14 -6.67 -5.91 -2.68
C CYS A 14 -6.53 -7.30 -2.09
N GLY A 15 -6.33 -7.36 -0.77
CA GLY A 15 -6.18 -8.62 -0.10
C GLY A 15 -4.81 -9.24 -0.32
N ILE A 16 -3.81 -8.39 -0.51
CA ILE A 16 -2.45 -8.86 -0.74
C ILE A 16 -1.47 -8.17 0.21
N ALA A 17 -0.90 -8.94 1.13
CA ALA A 17 0.05 -8.40 2.10
C ALA A 17 1.46 -8.39 1.50
N PHE A 18 2.07 -7.22 1.48
CA PHE A 18 3.41 -7.07 0.92
C PHE A 18 4.49 -7.30 1.97
N SER A 19 5.74 -7.08 1.58
CA SER A 19 6.87 -7.27 2.48
C SER A 19 7.16 -6.04 3.33
N SER A 20 6.79 -4.85 2.84
CA SER A 20 7.04 -3.63 3.57
C SER A 20 6.22 -2.46 3.02
N PRO A 21 6.28 -1.28 3.69
CA PRO A 21 5.54 -0.09 3.27
C PRO A 21 6.01 0.45 1.92
N SER A 22 7.32 0.59 1.77
CA SER A 22 7.90 1.09 0.52
C SER A 22 7.40 0.28 -0.67
N THR A 23 7.27 -1.03 -0.50
CA THR A 23 6.80 -1.88 -1.56
C THR A 23 5.38 -1.50 -1.95
N LEU A 24 4.58 -1.12 -0.96
CA LEU A 24 3.22 -0.71 -1.20
C LEU A 24 3.20 0.48 -2.13
N GLU A 25 4.10 1.42 -1.86
CA GLU A 25 4.21 2.63 -2.67
C GLU A 25 4.37 2.27 -4.14
N ALA A 26 5.05 1.16 -4.39
CA ALA A 26 5.26 0.69 -5.74
C ALA A 26 3.98 0.07 -6.28
N HIS A 27 3.22 -0.54 -5.37
CA HIS A 27 1.95 -1.17 -5.73
C HIS A 27 0.91 -0.08 -5.97
N GLN A 28 0.77 0.79 -4.99
CA GLN A 28 -0.17 1.90 -5.08
C GLN A 28 0.21 2.81 -6.26
N ALA A 29 1.47 2.71 -6.70
CA ALA A 29 1.97 3.52 -7.80
C ALA A 29 1.25 3.20 -9.11
N TYR A 30 1.35 1.95 -9.56
CA TYR A 30 0.73 1.54 -10.81
C TYR A 30 0.15 0.13 -10.76
N TYR A 31 0.15 -0.49 -9.58
CA TYR A 31 -0.37 -1.84 -9.44
C TYR A 31 -1.79 -1.83 -8.88
N CYS A 32 -2.05 -0.94 -7.93
CA CYS A 32 -3.37 -0.82 -7.33
C CYS A 32 -4.34 -0.12 -8.28
N SER A 33 -4.72 -0.80 -9.36
CA SER A 33 -5.64 -0.26 -10.34
C SER A 33 -4.94 0.78 -11.22
N HIS A 34 -5.54 1.08 -12.37
CA HIS A 34 -4.97 2.06 -13.29
C HIS A 34 -5.19 3.48 -12.78
N ARG A 35 -4.40 3.88 -11.79
CA ARG A 35 -4.51 5.21 -11.22
C ARG A 35 -3.79 6.24 -12.08
N ILE A 36 -4.08 7.51 -11.85
CA ILE A 36 -3.45 8.59 -12.60
C ILE A 36 -3.29 9.84 -11.75
ZN ZN B . -3.95 -2.52 -3.86
N GLY A 1 1.38 7.78 14.53
CA GLY A 1 0.66 6.48 14.62
C GLY A 1 -0.84 6.66 14.72
N SER A 2 -1.39 7.56 13.91
CA SER A 2 -2.82 7.83 13.92
C SER A 2 -3.24 8.60 12.68
N LEU A 3 -2.73 9.82 12.54
CA LEU A 3 -3.04 10.66 11.38
C LEU A 3 -1.79 11.33 10.83
N LEU A 4 -1.76 11.53 9.52
CA LEU A 4 -0.62 12.16 8.86
C LEU A 4 0.64 11.33 9.06
N LYS A 5 0.47 10.02 9.18
CA LYS A 5 1.60 9.12 9.38
C LYS A 5 1.16 7.66 9.22
N PRO A 6 1.46 7.05 8.06
CA PRO A 6 1.09 5.65 7.79
C PRO A 6 1.86 4.67 8.66
N ALA A 7 1.23 3.55 8.98
CA ALA A 7 1.86 2.52 9.81
C ALA A 7 1.29 1.14 9.51
N ARG A 8 0.89 0.94 8.26
CA ARG A 8 0.32 -0.35 7.85
C ARG A 8 1.00 -0.85 6.58
N PHE A 9 0.79 -2.12 6.26
CA PHE A 9 1.39 -2.73 5.08
C PHE A 9 0.55 -3.90 4.57
N MET A 10 -0.70 -3.61 4.20
CA MET A 10 -1.61 -4.63 3.70
C MET A 10 -2.76 -4.01 2.93
N CYS A 11 -2.86 -4.32 1.64
CA CYS A 11 -3.92 -3.79 0.80
C CYS A 11 -5.17 -4.65 0.89
N LEU A 12 -6.01 -4.39 1.89
CA LEU A 12 -7.24 -5.15 2.09
C LEU A 12 -8.07 -5.18 0.81
N PRO A 13 -8.24 -4.03 0.14
CA PRO A 13 -9.04 -3.96 -1.10
C PRO A 13 -8.50 -4.88 -2.19
N CYS A 14 -7.29 -5.39 -2.00
CA CYS A 14 -6.67 -6.29 -2.96
C CYS A 14 -6.47 -7.66 -2.35
N GLY A 15 -6.29 -7.69 -1.03
CA GLY A 15 -6.10 -8.94 -0.34
C GLY A 15 -4.64 -9.32 -0.20
N ILE A 16 -3.78 -8.72 -1.00
CA ILE A 16 -2.35 -9.00 -0.96
C ILE A 16 -1.69 -8.27 0.20
N ALA A 17 -0.96 -9.01 1.04
CA ALA A 17 -0.28 -8.43 2.19
C ALA A 17 1.22 -8.43 1.99
N PHE A 18 1.80 -7.23 1.94
CA PHE A 18 3.23 -7.07 1.74
C PHE A 18 3.97 -7.17 3.08
N SER A 19 5.26 -6.83 3.06
CA SER A 19 6.07 -6.87 4.28
C SER A 19 7.24 -5.90 4.19
N SER A 20 7.01 -4.76 3.55
CA SER A 20 8.05 -3.74 3.41
C SER A 20 7.45 -2.41 2.97
N PRO A 21 7.93 -1.29 3.54
CA PRO A 21 7.44 0.05 3.21
C PRO A 21 8.06 0.61 1.93
N SER A 22 8.02 -0.19 0.86
CA SER A 22 8.56 0.21 -0.43
C SER A 22 7.70 -0.36 -1.55
N THR A 23 7.42 -1.66 -1.46
CA THR A 23 6.57 -2.31 -2.45
C THR A 23 5.19 -1.70 -2.42
N LEU A 24 4.79 -1.24 -1.23
CA LEU A 24 3.49 -0.61 -1.06
C LEU A 24 3.42 0.63 -1.91
N GLU A 25 4.48 1.42 -1.87
CA GLU A 25 4.57 2.64 -2.64
C GLU A 25 4.58 2.30 -4.13
N ALA A 26 5.11 1.12 -4.44
CA ALA A 26 5.16 0.65 -5.80
C ALA A 26 3.80 0.18 -6.24
N HIS A 27 3.06 -0.40 -5.30
CA HIS A 27 1.72 -0.90 -5.55
C HIS A 27 0.76 0.28 -5.65
N GLN A 28 0.85 1.18 -4.69
CA GLN A 28 0.01 2.36 -4.67
C GLN A 28 0.43 3.31 -5.79
N ALA A 29 1.60 3.06 -6.38
CA ALA A 29 2.11 3.88 -7.46
C ALA A 29 1.37 3.65 -8.77
N TYR A 30 1.39 2.41 -9.26
CA TYR A 30 0.74 2.09 -10.51
C TYR A 30 0.28 0.64 -10.59
N TYR A 31 0.13 -0.01 -9.43
CA TYR A 31 -0.30 -1.40 -9.40
C TYR A 31 -1.75 -1.51 -8.91
N CYS A 32 -2.09 -0.73 -7.89
CA CYS A 32 -3.44 -0.76 -7.34
C CYS A 32 -4.41 -0.03 -8.26
N SER A 33 -5.03 -0.77 -9.18
CA SER A 33 -5.98 -0.20 -10.12
C SER A 33 -5.26 0.59 -11.20
N HIS A 34 -6.03 1.09 -12.17
CA HIS A 34 -5.46 1.86 -13.27
C HIS A 34 -5.69 3.36 -13.06
N ARG A 35 -4.81 3.99 -12.29
CA ARG A 35 -4.92 5.41 -12.01
C ARG A 35 -3.93 6.21 -12.85
N ILE A 36 -4.41 7.27 -13.48
CA ILE A 36 -3.55 8.12 -14.32
C ILE A 36 -3.22 9.42 -13.61
ZN ZN B . -4.14 -2.65 -3.90
N GLY A 1 3.36 4.58 14.20
CA GLY A 1 1.98 4.26 14.68
C GLY A 1 1.01 5.40 14.47
N SER A 2 -0.27 5.13 14.71
CA SER A 2 -1.31 6.16 14.54
C SER A 2 -1.34 6.66 13.10
N LEU A 3 -2.19 7.65 12.85
CA LEU A 3 -2.33 8.23 11.52
C LEU A 3 -1.03 8.91 11.09
N LEU A 4 -1.08 9.59 9.95
CA LEU A 4 0.09 10.29 9.41
C LEU A 4 1.13 9.29 8.90
N LYS A 5 1.69 8.49 9.82
CA LYS A 5 2.70 7.51 9.47
C LYS A 5 2.07 6.12 9.30
N PRO A 6 1.97 5.62 8.06
CA PRO A 6 1.38 4.31 7.79
C PRO A 6 2.08 3.19 8.57
N ALA A 7 1.54 2.87 9.74
CA ALA A 7 2.11 1.83 10.58
C ALA A 7 1.84 0.45 10.00
N ARG A 8 0.58 0.19 9.64
CA ARG A 8 0.19 -1.09 9.07
C ARG A 8 0.46 -1.13 7.57
N PHE A 9 0.91 -2.28 7.09
CA PHE A 9 1.22 -2.45 5.67
C PHE A 9 0.44 -3.63 5.08
N MET A 10 -0.71 -3.34 4.50
CA MET A 10 -1.54 -4.38 3.89
C MET A 10 -2.59 -3.76 2.98
N CYS A 11 -2.60 -4.18 1.72
CA CYS A 11 -3.55 -3.68 0.74
C CYS A 11 -4.85 -4.48 0.79
N LEU A 12 -5.77 -4.05 1.64
CA LEU A 12 -7.05 -4.71 1.81
C LEU A 12 -7.89 -4.65 0.53
N PRO A 13 -7.96 -3.46 -0.12
CA PRO A 13 -8.74 -3.28 -1.35
C PRO A 13 -8.65 -4.45 -2.31
N CYS A 14 -7.47 -5.05 -2.42
CA CYS A 14 -7.25 -6.18 -3.29
C CYS A 14 -6.92 -7.42 -2.48
N GLY A 15 -6.26 -7.21 -1.35
CA GLY A 15 -5.90 -8.32 -0.49
C GLY A 15 -4.52 -8.86 -0.78
N ILE A 16 -3.49 -8.06 -0.52
CA ILE A 16 -2.11 -8.47 -0.75
C ILE A 16 -1.18 -7.83 0.28
N ALA A 17 -0.74 -8.64 1.23
CA ALA A 17 0.16 -8.15 2.28
C ALA A 17 1.62 -8.20 1.82
N PHE A 18 2.20 -7.02 1.62
CA PHE A 18 3.58 -6.91 1.18
C PHE A 18 4.53 -6.85 2.36
N SER A 19 5.71 -7.46 2.22
CA SER A 19 6.69 -7.47 3.29
C SER A 19 7.57 -6.22 3.27
N SER A 20 7.02 -5.09 2.84
CA SER A 20 7.79 -3.84 2.78
C SER A 20 6.86 -2.63 2.60
N PRO A 21 7.21 -1.50 3.22
CA PRO A 21 6.42 -0.26 3.13
C PRO A 21 6.59 0.42 1.78
N SER A 22 7.83 0.53 1.32
CA SER A 22 8.11 1.16 0.03
C SER A 22 7.46 0.37 -1.09
N THR A 23 7.35 -0.95 -0.91
CA THR A 23 6.73 -1.81 -1.90
C THR A 23 5.26 -1.47 -2.04
N LEU A 24 4.64 -1.08 -0.92
CA LEU A 24 3.24 -0.71 -0.92
C LEU A 24 3.03 0.47 -1.85
N GLU A 25 3.92 1.45 -1.73
CA GLU A 25 3.86 2.63 -2.56
C GLU A 25 4.10 2.26 -4.02
N ALA A 26 4.86 1.20 -4.23
CA ALA A 26 5.14 0.72 -5.57
C ALA A 26 3.94 0.00 -6.13
N HIS A 27 3.22 -0.69 -5.26
CA HIS A 27 2.02 -1.41 -5.63
C HIS A 27 0.89 -0.43 -5.88
N GLN A 28 0.69 0.45 -4.91
CA GLN A 28 -0.34 1.46 -5.01
C GLN A 28 0.01 2.48 -6.10
N ALA A 29 1.25 2.45 -6.56
CA ALA A 29 1.71 3.37 -7.59
C ALA A 29 1.21 2.98 -8.98
N TYR A 30 1.47 1.74 -9.39
CA TYR A 30 1.04 1.29 -10.71
C TYR A 30 0.49 -0.14 -10.70
N TYR A 31 0.33 -0.73 -9.52
CA TYR A 31 -0.19 -2.08 -9.43
C TYR A 31 -1.70 -2.09 -9.22
N CYS A 32 -2.13 -1.71 -8.02
CA CYS A 32 -3.56 -1.67 -7.70
C CYS A 32 -4.29 -0.69 -8.62
N SER A 33 -5.25 -1.22 -9.39
CA SER A 33 -6.03 -0.40 -10.31
C SER A 33 -5.14 0.55 -11.11
N HIS A 34 -5.76 1.51 -11.79
CA HIS A 34 -5.02 2.47 -12.59
C HIS A 34 -5.24 3.90 -12.08
N ARG A 35 -4.44 4.30 -11.10
CA ARG A 35 -4.54 5.63 -10.52
C ARG A 35 -3.81 6.65 -11.38
N ILE A 36 -4.27 7.91 -11.32
CA ILE A 36 -3.66 8.98 -12.08
C ILE A 36 -3.94 10.33 -11.44
ZN ZN B . -3.69 -3.55 -3.85
N GLY A 1 0.88 7.93 15.38
CA GLY A 1 -0.30 8.63 15.97
C GLY A 1 -1.54 8.54 15.11
N SER A 2 -1.68 7.43 14.41
CA SER A 2 -2.82 7.21 13.53
C SER A 2 -2.83 8.21 12.39
N LEU A 3 -3.27 9.44 12.66
CA LEU A 3 -3.32 10.49 11.65
C LEU A 3 -1.92 10.87 11.20
N LEU A 4 -1.77 11.14 9.91
CA LEU A 4 -0.48 11.52 9.34
C LEU A 4 0.55 10.41 9.52
N LYS A 5 1.49 10.32 8.59
CA LYS A 5 2.54 9.30 8.64
C LYS A 5 1.94 7.90 8.54
N PRO A 6 2.45 7.06 7.62
CA PRO A 6 1.96 5.69 7.43
C PRO A 6 2.37 4.76 8.57
N ALA A 7 1.58 3.73 8.80
CA ALA A 7 1.86 2.76 9.86
C ALA A 7 1.26 1.40 9.54
N ARG A 8 1.13 1.10 8.25
CA ARG A 8 0.57 -0.17 7.81
C ARG A 8 1.28 -0.67 6.55
N PHE A 9 1.05 -1.94 6.22
CA PHE A 9 1.67 -2.53 5.03
C PHE A 9 0.84 -3.70 4.51
N MET A 10 -0.43 -3.45 4.20
CA MET A 10 -1.32 -4.49 3.70
C MET A 10 -2.54 -3.88 3.03
N CYS A 11 -2.73 -4.21 1.76
CA CYS A 11 -3.87 -3.70 0.99
C CYS A 11 -5.10 -4.58 1.22
N LEU A 12 -5.84 -4.29 2.28
CA LEU A 12 -7.04 -5.05 2.61
C LEU A 12 -7.98 -5.17 1.40
N PRO A 13 -8.26 -4.04 0.73
CA PRO A 13 -9.14 -4.02 -0.44
C PRO A 13 -8.42 -4.47 -1.72
N CYS A 14 -7.74 -5.60 -1.64
CA CYS A 14 -7.01 -6.13 -2.78
C CYS A 14 -6.81 -7.63 -2.65
N GLY A 15 -6.33 -8.06 -1.48
CA GLY A 15 -6.09 -9.47 -1.25
C GLY A 15 -4.63 -9.78 -0.99
N ILE A 16 -3.75 -8.87 -1.41
CA ILE A 16 -2.31 -9.07 -1.23
C ILE A 16 -1.80 -8.29 -0.01
N ALA A 17 -0.61 -8.66 0.44
CA ALA A 17 0.00 -8.00 1.60
C ALA A 17 1.51 -7.93 1.45
N PHE A 18 2.01 -6.72 1.24
CA PHE A 18 3.44 -6.49 1.07
C PHE A 18 4.13 -6.36 2.41
N SER A 19 5.17 -7.17 2.62
CA SER A 19 5.93 -7.14 3.87
C SER A 19 7.02 -6.08 3.84
N SER A 20 6.71 -4.92 3.29
CA SER A 20 7.67 -3.82 3.21
C SER A 20 6.97 -2.50 2.88
N PRO A 21 7.49 -1.37 3.39
CA PRO A 21 6.91 -0.05 3.15
C PRO A 21 7.10 0.42 1.71
N SER A 22 8.31 0.26 1.19
CA SER A 22 8.62 0.67 -0.17
C SER A 22 7.74 -0.06 -1.17
N THR A 23 7.46 -1.33 -0.90
CA THR A 23 6.62 -2.12 -1.79
C THR A 23 5.22 -1.52 -1.88
N LEU A 24 4.74 -1.00 -0.76
CA LEU A 24 3.42 -0.38 -0.71
C LEU A 24 3.37 0.77 -1.71
N GLU A 25 4.42 1.57 -1.70
CA GLU A 25 4.52 2.70 -2.61
C GLU A 25 4.59 2.21 -4.05
N ALA A 26 5.12 1.01 -4.23
CA ALA A 26 5.23 0.41 -5.54
C ALA A 26 3.87 -0.09 -6.01
N HIS A 27 3.09 -0.57 -5.05
CA HIS A 27 1.76 -1.07 -5.36
C HIS A 27 0.83 0.11 -5.60
N GLN A 28 0.85 1.07 -4.69
CA GLN A 28 0.04 2.27 -4.82
C GLN A 28 0.48 3.05 -6.06
N ALA A 29 1.68 2.76 -6.55
CA ALA A 29 2.21 3.44 -7.72
C ALA A 29 1.42 3.12 -8.98
N TYR A 30 1.39 1.84 -9.37
CA TYR A 30 0.68 1.45 -10.58
C TYR A 30 0.03 0.07 -10.47
N TYR A 31 -0.07 -0.47 -9.26
CA TYR A 31 -0.68 -1.78 -9.07
C TYR A 31 -2.15 -1.65 -8.71
N CYS A 32 -2.42 -0.94 -7.61
CA CYS A 32 -3.80 -0.74 -7.15
C CYS A 32 -4.60 0.03 -8.19
N SER A 33 -5.15 -0.70 -9.17
CA SER A 33 -5.96 -0.10 -10.23
C SER A 33 -5.06 0.64 -11.23
N HIS A 34 -5.70 1.27 -12.22
CA HIS A 34 -4.97 2.02 -13.23
C HIS A 34 -5.20 3.51 -13.10
N ARG A 35 -4.41 4.15 -12.24
CA ARG A 35 -4.55 5.59 -12.01
C ARG A 35 -3.78 6.38 -13.08
N ILE A 36 -3.83 7.69 -12.98
CA ILE A 36 -3.15 8.56 -13.93
C ILE A 36 -2.38 9.67 -13.22
ZN ZN B . -4.24 -2.52 -3.67
N GLY A 1 2.35 7.05 13.22
CA GLY A 1 1.39 6.63 14.27
C GLY A 1 0.06 7.33 14.16
N SER A 2 -1.02 6.55 14.24
CA SER A 2 -2.37 7.10 14.15
C SER A 2 -2.61 7.72 12.78
N LEU A 3 -2.10 8.93 12.57
CA LEU A 3 -2.27 9.63 11.30
C LEU A 3 -0.94 10.24 10.84
N LEU A 4 -0.98 10.89 9.68
CA LEU A 4 0.22 11.52 9.13
C LEU A 4 1.28 10.49 8.79
N LYS A 5 1.99 10.01 9.81
CA LYS A 5 3.03 9.01 9.61
C LYS A 5 2.44 7.61 9.55
N PRO A 6 2.55 6.93 8.39
CA PRO A 6 2.01 5.57 8.21
C PRO A 6 2.81 4.53 8.99
N ALA A 7 2.31 3.31 9.02
CA ALA A 7 2.98 2.22 9.73
C ALA A 7 2.25 0.89 9.51
N ARG A 8 1.80 0.67 8.29
CA ARG A 8 1.09 -0.56 7.95
C ARG A 8 1.58 -1.13 6.62
N PHE A 9 1.36 -2.42 6.43
CA PHE A 9 1.79 -3.10 5.21
C PHE A 9 0.79 -4.18 4.80
N MET A 10 -0.35 -3.73 4.29
CA MET A 10 -1.41 -4.65 3.86
C MET A 10 -2.43 -3.93 3.00
N CYS A 11 -2.62 -4.43 1.77
CA CYS A 11 -3.57 -3.84 0.84
C CYS A 11 -4.90 -4.59 0.87
N LEU A 12 -5.81 -4.12 1.71
CA LEU A 12 -7.12 -4.74 1.85
C LEU A 12 -7.92 -4.68 0.55
N PRO A 13 -7.94 -3.52 -0.14
CA PRO A 13 -8.69 -3.35 -1.39
C PRO A 13 -8.62 -4.57 -2.31
N CYS A 14 -7.44 -5.18 -2.39
CA CYS A 14 -7.25 -6.35 -3.23
C CYS A 14 -6.93 -7.57 -2.38
N GLY A 15 -6.27 -7.32 -1.26
CA GLY A 15 -5.92 -8.40 -0.36
C GLY A 15 -4.53 -8.96 -0.63
N ILE A 16 -3.51 -8.17 -0.34
CA ILE A 16 -2.12 -8.59 -0.54
C ILE A 16 -1.21 -7.95 0.49
N ALA A 17 -0.72 -8.75 1.44
CA ALA A 17 0.17 -8.26 2.48
C ALA A 17 1.62 -8.24 2.00
N PHE A 18 2.16 -7.04 1.80
CA PHE A 18 3.53 -6.89 1.34
C PHE A 18 4.49 -6.84 2.52
N SER A 19 5.66 -7.44 2.36
CA SER A 19 6.66 -7.47 3.42
C SER A 19 7.55 -6.22 3.40
N SER A 20 7.00 -5.09 2.94
CA SER A 20 7.77 -3.86 2.88
C SER A 20 6.86 -2.64 2.69
N PRO A 21 7.25 -1.48 3.25
CA PRO A 21 6.47 -0.24 3.14
C PRO A 21 6.64 0.42 1.77
N SER A 22 7.87 0.50 1.31
CA SER A 22 8.16 1.11 0.01
C SER A 22 7.47 0.33 -1.10
N THR A 23 7.37 -0.99 -0.91
CA THR A 23 6.72 -1.85 -1.89
C THR A 23 5.26 -1.46 -2.02
N LEU A 24 4.66 -1.05 -0.91
CA LEU A 24 3.27 -0.63 -0.89
C LEU A 24 3.08 0.55 -1.82
N GLU A 25 4.01 1.49 -1.71
CA GLU A 25 3.97 2.69 -2.54
C GLU A 25 4.11 2.31 -4.01
N ALA A 26 4.82 1.23 -4.26
CA ALA A 26 5.02 0.74 -5.60
C ALA A 26 3.76 0.08 -6.11
N HIS A 27 3.06 -0.58 -5.20
CA HIS A 27 1.81 -1.26 -5.52
C HIS A 27 0.71 -0.25 -5.70
N GLN A 28 0.61 0.67 -4.73
CA GLN A 28 -0.38 1.72 -4.77
C GLN A 28 -0.04 2.73 -5.88
N ALA A 29 1.18 2.63 -6.41
CA ALA A 29 1.63 3.54 -7.45
C ALA A 29 1.04 3.18 -8.81
N TYR A 30 1.23 1.93 -9.25
CA TYR A 30 0.73 1.52 -10.55
C TYR A 30 0.19 0.08 -10.55
N TYR A 31 0.03 -0.50 -9.36
CA TYR A 31 -0.49 -1.87 -9.28
C TYR A 31 -1.99 -1.88 -9.06
N CYS A 32 -2.42 -1.52 -7.86
CA CYS A 32 -3.84 -1.49 -7.53
C CYS A 32 -4.56 -0.40 -8.32
N SER A 33 -5.34 -0.81 -9.32
CA SER A 33 -6.08 0.12 -10.15
C SER A 33 -5.15 0.83 -11.13
N HIS A 34 -5.74 1.53 -12.10
CA HIS A 34 -4.96 2.25 -13.10
C HIS A 34 -4.93 3.74 -12.79
N ARG A 35 -3.96 4.16 -11.99
CA ARG A 35 -3.83 5.57 -11.62
C ARG A 35 -3.41 6.41 -12.82
N ILE A 36 -3.51 7.72 -12.68
CA ILE A 36 -3.15 8.64 -13.75
C ILE A 36 -2.96 10.06 -13.22
ZN ZN B . -3.82 -3.66 -3.76
N GLY A 1 1.77 6.41 12.94
CA GLY A 1 1.17 6.53 14.30
C GLY A 1 -0.22 7.13 14.27
N SER A 2 -1.22 6.26 14.19
CA SER A 2 -2.62 6.71 14.15
C SER A 2 -2.92 7.45 12.85
N LEU A 3 -2.38 8.65 12.74
CA LEU A 3 -2.60 9.47 11.54
C LEU A 3 -1.28 10.08 11.06
N LEU A 4 -1.37 10.88 10.01
CA LEU A 4 -0.19 11.54 9.44
C LEU A 4 0.77 10.52 8.83
N LYS A 5 1.49 9.80 9.69
CA LYS A 5 2.43 8.80 9.23
C LYS A 5 1.81 7.40 9.28
N PRO A 6 2.20 6.51 8.34
CA PRO A 6 1.67 5.15 8.29
C PRO A 6 2.19 4.28 9.42
N ALA A 7 1.96 2.98 9.32
CA ALA A 7 2.41 2.03 10.34
C ALA A 7 2.19 0.60 9.89
N ARG A 8 1.02 0.33 9.32
CA ARG A 8 0.69 -1.01 8.85
C ARG A 8 0.92 -1.12 7.35
N PHE A 9 1.26 -2.32 6.90
CA PHE A 9 1.51 -2.57 5.48
C PHE A 9 0.65 -3.72 4.97
N MET A 10 -0.53 -3.40 4.44
CA MET A 10 -1.43 -4.41 3.92
C MET A 10 -2.48 -3.77 3.02
N CYS A 11 -2.53 -4.23 1.77
CA CYS A 11 -3.50 -3.70 0.80
C CYS A 11 -4.79 -4.51 0.84
N LEU A 12 -5.70 -4.10 1.70
CA LEU A 12 -6.99 -4.76 1.85
C LEU A 12 -7.85 -4.66 0.58
N PRO A 13 -7.92 -3.46 -0.02
CA PRO A 13 -8.73 -3.24 -1.23
C PRO A 13 -8.64 -4.39 -2.23
N CYS A 14 -7.47 -4.99 -2.36
CA CYS A 14 -7.26 -6.08 -3.28
C CYS A 14 -6.93 -7.35 -2.50
N GLY A 15 -6.27 -7.18 -1.36
CA GLY A 15 -5.92 -8.30 -0.53
C GLY A 15 -4.54 -8.85 -0.84
N ILE A 16 -3.51 -8.11 -0.49
CA ILE A 16 -2.13 -8.53 -0.72
C ILE A 16 -1.19 -7.90 0.30
N ALA A 17 -0.72 -8.71 1.23
CA ALA A 17 0.20 -8.24 2.27
C ALA A 17 1.64 -8.25 1.79
N PHE A 18 2.23 -7.07 1.66
CA PHE A 18 3.60 -6.94 1.20
C PHE A 18 4.57 -7.02 2.37
N SER A 19 5.81 -7.41 2.09
CA SER A 19 6.83 -7.54 3.13
C SER A 19 7.55 -6.22 3.40
N SER A 20 7.00 -5.11 2.91
CA SER A 20 7.63 -3.81 3.12
C SER A 20 6.67 -2.65 2.81
N PRO A 21 6.94 -1.47 3.39
CA PRO A 21 6.11 -0.28 3.19
C PRO A 21 6.36 0.37 1.82
N SER A 22 7.63 0.49 1.46
CA SER A 22 8.01 1.09 0.18
C SER A 22 7.38 0.30 -0.96
N THR A 23 7.22 -1.00 -0.77
CA THR A 23 6.62 -1.86 -1.78
C THR A 23 5.17 -1.47 -2.00
N LEU A 24 4.51 -1.07 -0.93
CA LEU A 24 3.12 -0.64 -1.01
C LEU A 24 2.99 0.55 -1.94
N GLU A 25 3.92 1.48 -1.78
CA GLU A 25 3.94 2.67 -2.61
C GLU A 25 4.17 2.29 -4.07
N ALA A 26 4.91 1.19 -4.26
CA ALA A 26 5.19 0.69 -5.59
C ALA A 26 3.97 0.00 -6.16
N HIS A 27 3.23 -0.65 -5.27
CA HIS A 27 2.01 -1.36 -5.63
C HIS A 27 0.91 -0.36 -5.90
N GLN A 28 0.74 0.56 -4.96
CA GLN A 28 -0.27 1.61 -5.08
C GLN A 28 0.10 2.57 -6.22
N ALA A 29 1.36 2.50 -6.66
CA ALA A 29 1.84 3.37 -7.72
C ALA A 29 1.31 2.97 -9.10
N TYR A 30 1.52 1.71 -9.47
CA TYR A 30 1.07 1.24 -10.79
C TYR A 30 0.48 -0.17 -10.73
N TYR A 31 0.31 -0.73 -9.53
CA TYR A 31 -0.26 -2.07 -9.42
C TYR A 31 -1.77 -2.03 -9.19
N CYS A 32 -2.17 -1.69 -7.98
CA CYS A 32 -3.60 -1.61 -7.64
C CYS A 32 -4.31 -0.64 -8.58
N SER A 33 -5.30 -1.16 -9.31
CA SER A 33 -6.08 -0.36 -10.25
C SER A 33 -5.17 0.55 -11.08
N HIS A 34 -5.79 1.50 -11.79
CA HIS A 34 -5.04 2.43 -12.63
C HIS A 34 -5.28 3.87 -12.19
N ARG A 35 -4.47 4.34 -11.24
CA ARG A 35 -4.59 5.70 -10.74
C ARG A 35 -3.93 6.69 -11.69
N ILE A 36 -4.60 7.82 -11.92
CA ILE A 36 -4.08 8.85 -12.81
C ILE A 36 -4.11 10.22 -12.14
ZN ZN B . -3.71 -3.45 -3.79
N GLY A 1 2.36 5.59 15.79
CA GLY A 1 2.08 5.54 14.33
C GLY A 1 0.59 5.65 14.03
N SER A 2 0.14 6.87 13.74
CA SER A 2 -1.26 7.10 13.42
C SER A 2 -1.49 8.54 12.98
N LEU A 3 -2.40 8.74 12.03
CA LEU A 3 -2.71 10.05 11.51
C LEU A 3 -1.49 10.69 10.84
N LEU A 4 -1.63 11.05 9.57
CA LEU A 4 -0.55 11.66 8.81
C LEU A 4 0.58 10.66 8.57
N LYS A 5 1.30 10.30 9.62
CA LYS A 5 2.38 9.34 9.51
C LYS A 5 1.85 7.91 9.37
N PRO A 6 2.42 7.12 8.44
CA PRO A 6 1.99 5.75 8.21
C PRO A 6 2.46 4.80 9.31
N ALA A 7 1.70 3.74 9.54
CA ALA A 7 2.04 2.76 10.57
C ALA A 7 1.40 1.41 10.27
N ARG A 8 1.27 1.09 8.99
CA ARG A 8 0.67 -0.18 8.58
C ARG A 8 1.19 -0.61 7.21
N PHE A 9 0.97 -1.88 6.87
CA PHE A 9 1.42 -2.41 5.59
C PHE A 9 0.56 -3.61 5.17
N MET A 10 -0.59 -3.33 4.59
CA MET A 10 -1.50 -4.38 4.13
C MET A 10 -2.55 -3.83 3.18
N CYS A 11 -2.62 -4.40 1.99
CA CYS A 11 -3.58 -3.97 0.98
C CYS A 11 -4.82 -4.86 0.98
N LEU A 12 -5.82 -4.47 1.78
CA LEU A 12 -7.05 -5.23 1.88
C LEU A 12 -7.91 -5.11 0.62
N PRO A 13 -8.06 -3.88 0.07
CA PRO A 13 -8.86 -3.65 -1.14
C PRO A 13 -8.69 -4.74 -2.19
N CYS A 14 -7.48 -5.30 -2.29
CA CYS A 14 -7.20 -6.34 -3.25
C CYS A 14 -6.85 -7.64 -2.53
N GLY A 15 -6.28 -7.49 -1.33
CA GLY A 15 -5.92 -8.65 -0.55
C GLY A 15 -4.52 -9.14 -0.85
N ILE A 16 -3.52 -8.34 -0.49
CA ILE A 16 -2.12 -8.70 -0.72
C ILE A 16 -1.22 -8.06 0.33
N ALA A 17 -0.71 -8.87 1.25
CA ALA A 17 0.18 -8.39 2.30
C ALA A 17 1.62 -8.31 1.82
N PHE A 18 2.15 -7.10 1.71
CA PHE A 18 3.51 -6.89 1.27
C PHE A 18 4.47 -6.83 2.45
N SER A 19 5.64 -7.43 2.28
CA SER A 19 6.65 -7.45 3.33
C SER A 19 7.53 -6.19 3.32
N SER A 20 6.96 -5.07 2.86
CA SER A 20 7.73 -3.83 2.82
C SER A 20 6.81 -2.62 2.60
N PRO A 21 7.17 -1.46 3.18
CA PRO A 21 6.39 -0.23 3.06
C PRO A 21 6.57 0.44 1.70
N SER A 22 7.82 0.53 1.25
CA SER A 22 8.11 1.14 -0.04
C SER A 22 7.44 0.36 -1.15
N THR A 23 7.35 -0.96 -0.97
CA THR A 23 6.72 -1.82 -1.97
C THR A 23 5.25 -1.45 -2.10
N LEU A 24 4.64 -1.05 -1.00
CA LEU A 24 3.24 -0.66 -0.99
C LEU A 24 3.05 0.52 -1.93
N GLU A 25 3.96 1.48 -1.83
CA GLU A 25 3.91 2.66 -2.66
C GLU A 25 4.11 2.28 -4.11
N ALA A 26 4.86 1.21 -4.33
CA ALA A 26 5.10 0.72 -5.67
C ALA A 26 3.87 0.01 -6.20
N HIS A 27 3.18 -0.65 -5.30
CA HIS A 27 1.95 -1.36 -5.63
C HIS A 27 0.83 -0.36 -5.84
N GLN A 28 0.70 0.55 -4.89
CA GLN A 28 -0.32 1.59 -4.95
C GLN A 28 -0.02 2.57 -6.09
N ALA A 29 1.20 2.51 -6.62
CA ALA A 29 1.61 3.41 -7.70
C ALA A 29 1.21 2.89 -9.07
N TYR A 30 1.45 1.62 -9.35
CA TYR A 30 1.14 1.06 -10.66
C TYR A 30 0.30 -0.22 -10.58
N TYR A 31 0.10 -0.76 -9.39
CA TYR A 31 -0.69 -1.99 -9.25
C TYR A 31 -2.15 -1.67 -8.93
N CYS A 32 -2.44 -1.46 -7.64
CA CYS A 32 -3.81 -1.16 -7.22
C CYS A 32 -4.31 0.13 -7.88
N SER A 33 -5.27 -0.02 -8.78
CA SER A 33 -5.85 1.13 -9.48
C SER A 33 -4.89 1.66 -10.54
N HIS A 34 -5.32 1.62 -11.80
CA HIS A 34 -4.50 2.09 -12.90
C HIS A 34 -4.65 3.60 -13.08
N ARG A 35 -4.36 4.35 -12.02
CA ARG A 35 -4.45 5.81 -12.06
C ARG A 35 -3.40 6.40 -13.00
N ILE A 36 -3.75 7.51 -13.63
CA ILE A 36 -2.84 8.17 -14.57
C ILE A 36 -1.74 8.91 -13.81
ZN ZN B . -3.68 -3.56 -3.58
N GLY A 1 2.67 5.92 14.87
CA GLY A 1 1.54 5.45 14.02
C GLY A 1 0.30 6.29 14.19
N SER A 2 -0.77 5.66 14.64
CA SER A 2 -2.04 6.35 14.86
C SER A 2 -2.60 6.89 13.55
N LEU A 3 -2.07 8.03 13.11
CA LEU A 3 -2.52 8.65 11.86
C LEU A 3 -1.37 9.36 11.16
N LEU A 4 -1.67 9.99 10.02
CA LEU A 4 -0.65 10.70 9.26
C LEU A 4 0.36 9.74 8.66
N LYS A 5 1.22 9.19 9.50
CA LYS A 5 2.25 8.24 9.07
C LYS A 5 1.68 6.83 8.97
N PRO A 6 2.25 6.00 8.08
CA PRO A 6 1.80 4.62 7.88
C PRO A 6 2.14 3.72 9.08
N ALA A 7 1.12 3.10 9.66
CA ALA A 7 1.33 2.22 10.80
C ALA A 7 1.46 0.77 10.36
N ARG A 8 0.49 0.30 9.59
CA ARG A 8 0.50 -1.08 9.10
C ARG A 8 0.74 -1.12 7.59
N PHE A 9 0.94 -2.32 7.06
CA PHE A 9 1.18 -2.49 5.63
C PHE A 9 0.38 -3.67 5.09
N MET A 10 -0.77 -3.37 4.48
CA MET A 10 -1.62 -4.40 3.91
C MET A 10 -2.65 -3.79 2.97
N CYS A 11 -2.66 -4.25 1.72
CA CYS A 11 -3.60 -3.76 0.73
C CYS A 11 -4.89 -4.56 0.75
N LEU A 12 -5.83 -4.13 1.58
CA LEU A 12 -7.12 -4.81 1.71
C LEU A 12 -7.91 -4.77 0.39
N PRO A 13 -7.96 -3.60 -0.29
CA PRO A 13 -8.71 -3.46 -1.55
C PRO A 13 -8.57 -4.66 -2.47
N CYS A 14 -7.39 -5.25 -2.52
CA CYS A 14 -7.15 -6.41 -3.36
C CYS A 14 -6.83 -7.63 -2.51
N GLY A 15 -6.24 -7.38 -1.34
CA GLY A 15 -5.91 -8.45 -0.44
C GLY A 15 -4.52 -9.01 -0.68
N ILE A 16 -3.50 -8.22 -0.38
CA ILE A 16 -2.12 -8.64 -0.57
C ILE A 16 -1.19 -7.95 0.43
N ALA A 17 -0.72 -8.70 1.42
CA ALA A 17 0.16 -8.15 2.44
C ALA A 17 1.61 -8.18 1.98
N PHE A 18 2.17 -6.99 1.77
CA PHE A 18 3.55 -6.86 1.32
C PHE A 18 4.51 -6.82 2.51
N SER A 19 5.70 -7.39 2.33
CA SER A 19 6.69 -7.44 3.40
C SER A 19 7.55 -6.17 3.44
N SER A 20 7.03 -5.06 2.93
CA SER A 20 7.79 -3.81 2.94
C SER A 20 6.89 -2.60 2.65
N PRO A 21 7.20 -1.44 3.26
CA PRO A 21 6.43 -0.21 3.07
C PRO A 21 6.64 0.41 1.69
N SER A 22 7.90 0.50 1.27
CA SER A 22 8.23 1.06 -0.04
C SER A 22 7.55 0.27 -1.14
N THR A 23 7.38 -1.02 -0.93
CA THR A 23 6.72 -1.88 -1.92
C THR A 23 5.27 -1.47 -2.09
N LEU A 24 4.65 -1.06 -0.98
CA LEU A 24 3.27 -0.62 -1.00
C LEU A 24 3.12 0.56 -1.94
N GLU A 25 4.06 1.50 -1.82
CA GLU A 25 4.06 2.68 -2.66
C GLU A 25 4.24 2.29 -4.12
N ALA A 26 4.94 1.18 -4.34
CA ALA A 26 5.17 0.68 -5.68
C ALA A 26 3.90 0.01 -6.21
N HIS A 27 3.18 -0.63 -5.30
CA HIS A 27 1.94 -1.30 -5.63
C HIS A 27 0.85 -0.28 -5.84
N GLN A 28 0.73 0.64 -4.89
CA GLN A 28 -0.26 1.71 -4.97
C GLN A 28 0.11 2.67 -6.10
N ALA A 29 1.34 2.56 -6.60
CA ALA A 29 1.82 3.42 -7.66
C ALA A 29 1.24 3.05 -9.02
N TYR A 30 1.41 1.79 -9.42
CA TYR A 30 0.92 1.36 -10.72
C TYR A 30 0.35 -0.07 -10.71
N TYR A 31 0.16 -0.66 -9.53
CA TYR A 31 -0.38 -2.01 -9.46
C TYR A 31 -1.89 -1.98 -9.25
N CYS A 32 -2.31 -1.72 -8.01
CA CYS A 32 -3.74 -1.66 -7.69
C CYS A 32 -4.45 -0.61 -8.55
N SER A 33 -5.56 -1.00 -9.14
CA SER A 33 -6.35 -0.10 -10.00
C SER A 33 -5.45 0.69 -10.95
N HIS A 34 -6.02 1.71 -11.58
CA HIS A 34 -5.27 2.53 -12.52
C HIS A 34 -5.14 3.97 -12.01
N ARG A 35 -4.05 4.25 -11.32
CA ARG A 35 -3.81 5.58 -10.77
C ARG A 35 -3.33 6.54 -11.86
N ILE A 36 -3.78 7.78 -11.79
CA ILE A 36 -3.40 8.80 -12.76
C ILE A 36 -3.17 10.15 -12.09
ZN ZN B . -3.71 -3.68 -3.87
#